data_8V5X
# 
_entry.id   8V5X 
# 
_audit_conform.dict_name       mmcif_pdbx.dic 
_audit_conform.dict_version    5.388 
_audit_conform.dict_location   http://mmcif.pdb.org/dictionaries/ascii/mmcif_pdbx.dic 
# 
loop_
_database_2.database_id 
_database_2.database_code 
_database_2.pdbx_database_accession 
_database_2.pdbx_DOI 
PDB   8V5X         pdb_00008v5x 10.2210/pdb8v5x/pdb 
WWPDB D_1000279597 ?            ?                   
# 
loop_
_pdbx_audit_revision_history.ordinal 
_pdbx_audit_revision_history.data_content_type 
_pdbx_audit_revision_history.major_revision 
_pdbx_audit_revision_history.minor_revision 
_pdbx_audit_revision_history.revision_date 
1 'Structure model' 1 0 2024-03-06 
2 'Structure model' 1 1 2024-03-20 
# 
_pdbx_audit_revision_details.ordinal             1 
_pdbx_audit_revision_details.revision_ordinal    1 
_pdbx_audit_revision_details.data_content_type   'Structure model' 
_pdbx_audit_revision_details.provider            repository 
_pdbx_audit_revision_details.type                'Initial release' 
_pdbx_audit_revision_details.description         ? 
_pdbx_audit_revision_details.details             ? 
# 
_pdbx_audit_revision_group.ordinal             1 
_pdbx_audit_revision_group.revision_ordinal    2 
_pdbx_audit_revision_group.data_content_type   'Structure model' 
_pdbx_audit_revision_group.group               'Database references' 
# 
_pdbx_audit_revision_category.ordinal             1 
_pdbx_audit_revision_category.revision_ordinal    2 
_pdbx_audit_revision_category.data_content_type   'Structure model' 
_pdbx_audit_revision_category.category            citation 
# 
loop_
_pdbx_audit_revision_item.ordinal 
_pdbx_audit_revision_item.revision_ordinal 
_pdbx_audit_revision_item.data_content_type 
_pdbx_audit_revision_item.item 
1 2 'Structure model' '_citation.journal_volume' 
2 2 'Structure model' '_citation.page_first'     
3 2 'Structure model' '_citation.page_last'      
# 
_pdbx_database_status.status_code                     REL 
_pdbx_database_status.status_code_sf                  REL 
_pdbx_database_status.status_code_mr                  ? 
_pdbx_database_status.entry_id                        8V5X 
_pdbx_database_status.recvd_initial_deposition_date   2023-12-01 
_pdbx_database_status.SG_entry                        N 
_pdbx_database_status.deposit_site                    RCSB 
_pdbx_database_status.process_site                    RCSB 
_pdbx_database_status.status_code_cs                  ? 
_pdbx_database_status.status_code_nmr_data            ? 
_pdbx_database_status.methods_development_category    ? 
_pdbx_database_status.pdb_format_compatible           Y 
# 
_pdbx_contact_author.id                 2 
_pdbx_contact_author.email              andyn@uic.edu 
_pdbx_contact_author.name_first         Andy 
_pdbx_contact_author.name_last          Nguyen 
_pdbx_contact_author.name_mi            I 
_pdbx_contact_author.role               'principal investigator/group leader' 
_pdbx_contact_author.identifier_ORCID   0000-0003-4137-6453 
# 
_audit_author.name               'Heinz-Kunert, S.L.' 
_audit_author.pdbx_ordinal       1 
_audit_author.identifier_ORCID   0009-0002-5884-1294 
# 
_citation.abstract                  ? 
_citation.abstract_id_CAS           ? 
_citation.book_id_ISBN              ? 
_citation.book_publisher            ? 
_citation.book_publisher_city       ? 
_citation.book_title                ? 
_citation.coordinate_linkage        ? 
_citation.country                   US 
_citation.database_id_Medline       ? 
_citation.details                   ? 
_citation.id                        primary 
_citation.journal_abbrev            Biomacromolecules 
_citation.journal_id_ASTM           ? 
_citation.journal_id_CSD            ? 
_citation.journal_id_ISSN           1526-4602 
_citation.journal_full              ? 
_citation.journal_issue             ? 
_citation.journal_volume            25 
_citation.language                  ? 
_citation.page_first                2016 
_citation.page_last                 2023 
_citation.title                     'Pore Restructuring of Peptide Frameworks by Mutations at Distal Packing Residues.' 
_citation.year                      2024 
_citation.database_id_CSD           ? 
_citation.pdbx_database_id_DOI      10.1021/acs.biomac.3c01418 
_citation.pdbx_database_id_PubMed   38362872 
_citation.pdbx_database_id_patent   ? 
_citation.unpublished_flag          ? 
# 
loop_
_citation_author.citation_id 
_citation_author.name 
_citation_author.ordinal 
_citation_author.identifier_ORCID 
primary 'Heinz-Kunert, S.L.' 1 ?                   
primary 'Pandya, A.'         2 0000-0003-3303-1009 
primary 'Dang, V.T.'         3 ?                   
primary 'Oktawiec, J.'       4 0000-0002-2895-3327 
primary 'Nguyen, A.I.'       5 0000-0003-4137-6453 
# 
loop_
_entity.id 
_entity.type 
_entity.src_method 
_entity.pdbx_description 
_entity.formula_weight 
_entity.pdbx_number_of_molecules 
_entity.pdbx_ec 
_entity.pdbx_mutation 
_entity.pdbx_fragment 
_entity.details 
1 polymer     syn UIC-1-L6A    1332.509 2 ? ? ? ? 
2 non-polymer syn ACETONITRILE 41.052   2 ? ? ? ? 
3 water       nat water        18.015   6 ? ? ? ? 
# 
_entity_poly.entity_id                      1 
_entity_poly.type                           'polypeptide(L)' 
_entity_poly.nstd_linkage                   no 
_entity_poly.nstd_monomer                   yes 
_entity_poly.pdbx_seq_one_letter_code       '(I6W)L(AIB)A(AIB)A(AIB)Q(AIB)L(I77)' 
_entity_poly.pdbx_seq_one_letter_code_can   XLAAAAAQALX 
_entity_poly.pdbx_strand_id                 A,B 
_entity_poly.pdbx_target_identifier         ? 
# 
loop_
_pdbx_entity_nonpoly.entity_id 
_pdbx_entity_nonpoly.name 
_pdbx_entity_nonpoly.comp_id 
2 ACETONITRILE CCN 
3 water        HOH 
# 
loop_
_entity_poly_seq.entity_id 
_entity_poly_seq.num 
_entity_poly_seq.mon_id 
_entity_poly_seq.hetero 
1 1  I6W n 
1 2  LEU n 
1 3  AIB n 
1 4  ALA n 
1 5  AIB n 
1 6  ALA n 
1 7  AIB n 
1 8  GLN n 
1 9  AIB n 
1 10 LEU n 
1 11 I77 n 
# 
_pdbx_entity_src_syn.entity_id              1 
_pdbx_entity_src_syn.pdbx_src_id            1 
_pdbx_entity_src_syn.pdbx_alt_source_flag   sample 
_pdbx_entity_src_syn.pdbx_beg_seq_num       1 
_pdbx_entity_src_syn.pdbx_end_seq_num       11 
_pdbx_entity_src_syn.organism_scientific    'synthetic construct' 
_pdbx_entity_src_syn.organism_common_name   ? 
_pdbx_entity_src_syn.ncbi_taxonomy_id       32630 
_pdbx_entity_src_syn.details                ? 
# 
loop_
_chem_comp.id 
_chem_comp.type 
_chem_comp.mon_nstd_flag 
_chem_comp.name 
_chem_comp.pdbx_synonyms 
_chem_comp.formula 
_chem_comp.formula_weight 
AIB 'L-peptide linking' n 'ALPHA-AMINOISOBUTYRIC ACID'                            ? 'C4 H9 N O2'    103.120 
ALA 'L-peptide linking' y ALANINE                                                 ? 'C3 H7 N O2'    89.093  
CCN non-polymer         . ACETONITRILE                                            ? 'C2 H3 N'       41.052  
GLN 'L-peptide linking' y GLUTAMINE                                               ? 'C5 H10 N2 O3'  146.144 
HOH non-polymer         . WATER                                                   ? 'H2 O'          18.015  
I6W non-polymer         . 
;ethyl 5'-formyl[2,2'-bipyridine]-5-carboxylate
;
? 'C14 H12 N2 O3' 256.257 
I77 non-polymer         . "5'-(hydrazinecarbonyl)[2,2'-bipyridine]-5-carboxamide" ? 'C12 H11 N5 O2' 257.248 
LEU 'L-peptide linking' y LEUCINE                                                 ? 'C6 H13 N O2'   131.173 
# 
loop_
_pdbx_poly_seq_scheme.asym_id 
_pdbx_poly_seq_scheme.entity_id 
_pdbx_poly_seq_scheme.seq_id 
_pdbx_poly_seq_scheme.mon_id 
_pdbx_poly_seq_scheme.ndb_seq_num 
_pdbx_poly_seq_scheme.pdb_seq_num 
_pdbx_poly_seq_scheme.auth_seq_num 
_pdbx_poly_seq_scheme.pdb_mon_id 
_pdbx_poly_seq_scheme.auth_mon_id 
_pdbx_poly_seq_scheme.pdb_strand_id 
_pdbx_poly_seq_scheme.pdb_ins_code 
_pdbx_poly_seq_scheme.hetero 
A 1 1  I6W 1  1  1  I6W BPE A . n 
A 1 2  LEU 2  2  2  LEU LEU A . n 
A 1 3  AIB 3  3  3  AIB AIB A . n 
A 1 4  ALA 4  4  4  ALA ALA A . n 
A 1 5  AIB 5  5  5  AIB AIB A . n 
A 1 6  ALA 6  6  6  ALA ALA A . n 
A 1 7  AIB 7  7  7  AIB AIB A . n 
A 1 8  GLN 8  8  8  GLN GLN A . n 
A 1 9  AIB 9  9  9  AIB AIB A . n 
A 1 10 LEU 10 10 10 LEU LEU A . n 
A 1 11 I77 11 11 11 I77 BPH A . n 
B 1 1  I6W 1  1  1  I6W BPE B . n 
B 1 2  LEU 2  2  2  LEU LEU B . n 
B 1 3  AIB 3  3  3  AIB AIB B . n 
B 1 4  ALA 4  4  4  ALA ALA B . n 
B 1 5  AIB 5  5  5  AIB AIB B . n 
B 1 6  ALA 6  6  6  ALA ALA B . n 
B 1 7  AIB 7  7  7  AIB AIB B . n 
B 1 8  GLN 8  8  8  GLN GLN B . n 
B 1 9  AIB 9  9  9  AIB AIB B . n 
B 1 10 LEU 10 10 10 LEU LEU B . n 
B 1 11 I77 11 11 11 I77 BPH B . n 
# 
loop_
_pdbx_nonpoly_scheme.asym_id 
_pdbx_nonpoly_scheme.entity_id 
_pdbx_nonpoly_scheme.mon_id 
_pdbx_nonpoly_scheme.ndb_seq_num 
_pdbx_nonpoly_scheme.pdb_seq_num 
_pdbx_nonpoly_scheme.auth_seq_num 
_pdbx_nonpoly_scheme.pdb_mon_id 
_pdbx_nonpoly_scheme.auth_mon_id 
_pdbx_nonpoly_scheme.pdb_strand_id 
_pdbx_nonpoly_scheme.pdb_ins_code 
C 2 CCN 1 101 2 CCN CCN A . 
D 2 CCN 1 101 1 CCN CCN B . 
E 3 HOH 1 201 3 HOH HOH A . 
E 3 HOH 2 202 8 HOH HOH A . 
E 3 HOH 3 203 7 HOH HOH A . 
F 3 HOH 1 201 5 HOH HOH B . 
F 3 HOH 2 202 6 HOH HOH B . 
F 3 HOH 3 203 4 HOH HOH B . 
# 
loop_
_software.citation_id 
_software.classification 
_software.compiler_name 
_software.compiler_version 
_software.contact_author 
_software.contact_author_email 
_software.date 
_software.description 
_software.dependencies 
_software.hardware 
_software.language 
_software.location 
_software.mods 
_software.name 
_software.os 
_software.os_version 
_software.type 
_software.version 
_software.pdbx_ordinal 
? refinement       ? ? ? ? ? ? ? ? ? ? ? PHENIX ? ? ? 1.20.1_4487 1 
? 'data reduction' ? ? ? ? ? ? ? ? ? ? ? XDS    ? ? ? .           2 
? 'data scaling'   ? ? ? ? ? ? ? ? ? ? ? XDS    ? ? ? .           3 
? phasing          ? ? ? ? ? ? ? ? ? ? ? PHASER ? ? ? .           4 
# 
_cell.angle_alpha                  90.000 
_cell.angle_alpha_esd              ? 
_cell.angle_beta                   103.990 
_cell.angle_beta_esd               ? 
_cell.angle_gamma                  90.000 
_cell.angle_gamma_esd              ? 
_cell.entry_id                     8V5X 
_cell.details                      ? 
_cell.formula_units_Z              ? 
_cell.length_a                     50.801 
_cell.length_a_esd                 ? 
_cell.length_b                     16.792 
_cell.length_b_esd                 ? 
_cell.length_c                     20.200 
_cell.length_c_esd                 ? 
_cell.volume                       16720.493 
_cell.volume_esd                   ? 
_cell.Z_PDB                        8 
_cell.reciprocal_angle_alpha       ? 
_cell.reciprocal_angle_beta        ? 
_cell.reciprocal_angle_gamma       ? 
_cell.reciprocal_angle_alpha_esd   ? 
_cell.reciprocal_angle_beta_esd    ? 
_cell.reciprocal_angle_gamma_esd   ? 
_cell.reciprocal_length_a          ? 
_cell.reciprocal_length_b          ? 
_cell.reciprocal_length_c          ? 
_cell.reciprocal_length_a_esd      ? 
_cell.reciprocal_length_b_esd      ? 
_cell.reciprocal_length_c_esd      ? 
_cell.pdbx_unique_axis             ? 
_cell.pdbx_esd_method              ? 
# 
_symmetry.entry_id                         8V5X 
_symmetry.cell_setting                     ? 
_symmetry.Int_Tables_number                5 
_symmetry.space_group_name_Hall            'C 2y' 
_symmetry.space_group_name_H-M             'C 1 2 1' 
_symmetry.pdbx_full_space_group_name_H-M   ? 
# 
_exptl.absorpt_coefficient_mu     ? 
_exptl.absorpt_correction_T_max   ? 
_exptl.absorpt_correction_T_min   ? 
_exptl.absorpt_correction_type    ? 
_exptl.absorpt_process_details    ? 
_exptl.entry_id                   8V5X 
_exptl.crystals_number            1 
_exptl.details                    ? 
_exptl.method                     'X-RAY DIFFRACTION' 
_exptl.method_details             ? 
# 
_exptl_crystal.colour                       ? 
_exptl_crystal.density_diffrn               ? 
_exptl_crystal.density_Matthews             1.57 
_exptl_crystal.density_method               ? 
_exptl_crystal.density_percent_sol          21.58 
_exptl_crystal.description                  ? 
_exptl_crystal.F_000                        ? 
_exptl_crystal.id                           1 
_exptl_crystal.preparation                  ? 
_exptl_crystal.size_max                     ? 
_exptl_crystal.size_mid                     ? 
_exptl_crystal.size_min                     ? 
_exptl_crystal.size_rad                     ? 
_exptl_crystal.colour_lustre                ? 
_exptl_crystal.colour_modifier              ? 
_exptl_crystal.colour_primary               ? 
_exptl_crystal.density_meas                 ? 
_exptl_crystal.density_meas_esd             ? 
_exptl_crystal.density_meas_gt              ? 
_exptl_crystal.density_meas_lt              ? 
_exptl_crystal.density_meas_temp            ? 
_exptl_crystal.density_meas_temp_esd        ? 
_exptl_crystal.density_meas_temp_gt         ? 
_exptl_crystal.density_meas_temp_lt         ? 
_exptl_crystal.pdbx_crystal_image_url       ? 
_exptl_crystal.pdbx_crystal_image_format    ? 
_exptl_crystal.pdbx_mosaicity               ? 
_exptl_crystal.pdbx_mosaicity_esd           ? 
_exptl_crystal.pdbx_mosaic_method           ? 
_exptl_crystal.pdbx_mosaic_block_size       ? 
_exptl_crystal.pdbx_mosaic_block_size_esd   ? 
# 
_exptl_crystal_grow.apparatus       ? 
_exptl_crystal_grow.atmosphere      ? 
_exptl_crystal_grow.crystal_id      1 
_exptl_crystal_grow.details         ? 
_exptl_crystal_grow.method          'SLOW COOLING' 
_exptl_crystal_grow.method_ref      ? 
_exptl_crystal_grow.pH              ? 
_exptl_crystal_grow.pressure        ? 
_exptl_crystal_grow.pressure_esd    ? 
_exptl_crystal_grow.seeding         ? 
_exptl_crystal_grow.seeding_ref     ? 
_exptl_crystal_grow.temp_details    ? 
_exptl_crystal_grow.temp_esd        ? 
_exptl_crystal_grow.time            ? 
_exptl_crystal_grow.pdbx_details    'water, acetonitrile' 
_exptl_crystal_grow.pdbx_pH_range   ? 
_exptl_crystal_grow.temp            298 
# 
_diffrn.ambient_environment              ? 
_diffrn.ambient_temp                     100 
_diffrn.ambient_temp_details             ? 
_diffrn.ambient_temp_esd                 ? 
_diffrn.crystal_id                       1 
_diffrn.crystal_support                  ? 
_diffrn.crystal_treatment                ? 
_diffrn.details                          ? 
_diffrn.id                               1 
_diffrn.ambient_pressure                 ? 
_diffrn.ambient_pressure_esd             ? 
_diffrn.ambient_pressure_gt              ? 
_diffrn.ambient_pressure_lt              ? 
_diffrn.ambient_temp_gt                  ? 
_diffrn.ambient_temp_lt                  ? 
_diffrn.pdbx_serial_crystal_experiment   N 
# 
_diffrn_detector.details                      ? 
_diffrn_detector.detector                     PIXEL 
_diffrn_detector.diffrn_id                    1 
_diffrn_detector.type                         'DECTRIS EIGER X 9M' 
_diffrn_detector.area_resol_mean              ? 
_diffrn_detector.dtime                        ? 
_diffrn_detector.pdbx_frames_total            ? 
_diffrn_detector.pdbx_collection_time_total   ? 
_diffrn_detector.pdbx_collection_date         2022-04-27 
_diffrn_detector.pdbx_frequency               ? 
_diffrn_detector.id                           ? 
_diffrn_detector.number_of_axes               ? 
# 
_diffrn_radiation.collimation                      ? 
_diffrn_radiation.diffrn_id                        1 
_diffrn_radiation.filter_edge                      ? 
_diffrn_radiation.inhomogeneity                    ? 
_diffrn_radiation.monochromator                    ? 
_diffrn_radiation.polarisn_norm                    ? 
_diffrn_radiation.polarisn_ratio                   ? 
_diffrn_radiation.probe                            ? 
_diffrn_radiation.type                             ? 
_diffrn_radiation.xray_symbol                      ? 
_diffrn_radiation.wavelength_id                    1 
_diffrn_radiation.pdbx_monochromatic_or_laue_m_l   M 
_diffrn_radiation.pdbx_wavelength_list             ? 
_diffrn_radiation.pdbx_wavelength                  ? 
_diffrn_radiation.pdbx_diffrn_protocol             'SINGLE WAVELENGTH' 
_diffrn_radiation.pdbx_analyzer                    ? 
_diffrn_radiation.pdbx_scattering_type             x-ray 
# 
_diffrn_radiation_wavelength.id           1 
_diffrn_radiation_wavelength.wavelength   0.619920 
_diffrn_radiation_wavelength.wt           1.0 
# 
_diffrn_source.current                     ? 
_diffrn_source.details                     ? 
_diffrn_source.diffrn_id                   1 
_diffrn_source.power                       ? 
_diffrn_source.size                        ? 
_diffrn_source.source                      SYNCHROTRON 
_diffrn_source.target                      ? 
_diffrn_source.type                        'APS BEAMLINE 21-ID-D' 
_diffrn_source.voltage                     ? 
_diffrn_source.take-off_angle              ? 
_diffrn_source.pdbx_wavelength_list        0.619920 
_diffrn_source.pdbx_wavelength             ? 
_diffrn_source.pdbx_synchrotron_beamline   21-ID-D 
_diffrn_source.pdbx_synchrotron_site       APS 
# 
_reflns.B_iso_Wilson_estimate                          9.06 
_reflns.entry_id                                       8V5X 
_reflns.data_reduction_details                         ? 
_reflns.data_reduction_method                          ? 
_reflns.d_resolution_high                              1.12 
_reflns.d_resolution_low                               17.55 
_reflns.details                                        ? 
_reflns.limit_h_max                                    ? 
_reflns.limit_h_min                                    ? 
_reflns.limit_k_max                                    ? 
_reflns.limit_k_min                                    ? 
_reflns.limit_l_max                                    ? 
_reflns.limit_l_min                                    ? 
_reflns.number_all                                     ? 
_reflns.number_obs                                     6420 
_reflns.observed_criterion                             ? 
_reflns.observed_criterion_F_max                       ? 
_reflns.observed_criterion_F_min                       ? 
_reflns.observed_criterion_I_max                       ? 
_reflns.observed_criterion_I_min                       ? 
_reflns.observed_criterion_sigma_F                     ? 
_reflns.observed_criterion_sigma_I                     ? 
_reflns.percent_possible_obs                           98.09 
_reflns.R_free_details                                 ? 
_reflns.Rmerge_F_all                                   ? 
_reflns.Rmerge_F_obs                                   ? 
_reflns.Friedel_coverage                               ? 
_reflns.number_gt                                      ? 
_reflns.threshold_expression                           ? 
_reflns.pdbx_redundancy                                6.3 
_reflns.pdbx_netI_over_av_sigmaI                       ? 
_reflns.pdbx_netI_over_sigmaI                          8.69 
_reflns.pdbx_res_netI_over_av_sigmaI_2                 ? 
_reflns.pdbx_res_netI_over_sigmaI_2                    ? 
_reflns.pdbx_chi_squared                               ? 
_reflns.pdbx_scaling_rejects                           ? 
_reflns.pdbx_d_res_high_opt                            ? 
_reflns.pdbx_d_res_low_opt                             ? 
_reflns.pdbx_d_res_opt_method                          ? 
_reflns.phase_calculation_details                      ? 
_reflns.pdbx_Rrim_I_all                                0.1304 
_reflns.pdbx_Rpim_I_all                                ? 
_reflns.pdbx_d_opt                                     ? 
_reflns.pdbx_number_measured_all                       ? 
_reflns.pdbx_diffrn_id                                 1 
_reflns.pdbx_ordinal                                   1 
_reflns.pdbx_CC_half                                   0.996 
_reflns.pdbx_CC_star                                   ? 
_reflns.pdbx_R_split                                   ? 
_reflns.pdbx_Rmerge_I_obs                              0.1191 
_reflns.pdbx_Rmerge_I_all                              ? 
_reflns.pdbx_Rsym_value                                ? 
_reflns.pdbx_CC_split_method                           ? 
_reflns.pdbx_aniso_diffraction_limit_axis_1_ortho[1]   ? 
_reflns.pdbx_aniso_diffraction_limit_axis_1_ortho[2]   ? 
_reflns.pdbx_aniso_diffraction_limit_axis_1_ortho[3]   ? 
_reflns.pdbx_aniso_diffraction_limit_axis_2_ortho[1]   ? 
_reflns.pdbx_aniso_diffraction_limit_axis_2_ortho[2]   ? 
_reflns.pdbx_aniso_diffraction_limit_axis_2_ortho[3]   ? 
_reflns.pdbx_aniso_diffraction_limit_axis_3_ortho[1]   ? 
_reflns.pdbx_aniso_diffraction_limit_axis_3_ortho[2]   ? 
_reflns.pdbx_aniso_diffraction_limit_axis_3_ortho[3]   ? 
_reflns.pdbx_aniso_diffraction_limit_1                 ? 
_reflns.pdbx_aniso_diffraction_limit_2                 ? 
_reflns.pdbx_aniso_diffraction_limit_3                 ? 
_reflns.pdbx_aniso_B_tensor_eigenvector_1_ortho[1]     ? 
_reflns.pdbx_aniso_B_tensor_eigenvector_1_ortho[2]     ? 
_reflns.pdbx_aniso_B_tensor_eigenvector_1_ortho[3]     ? 
_reflns.pdbx_aniso_B_tensor_eigenvector_2_ortho[1]     ? 
_reflns.pdbx_aniso_B_tensor_eigenvector_2_ortho[2]     ? 
_reflns.pdbx_aniso_B_tensor_eigenvector_2_ortho[3]     ? 
_reflns.pdbx_aniso_B_tensor_eigenvector_3_ortho[1]     ? 
_reflns.pdbx_aniso_B_tensor_eigenvector_3_ortho[2]     ? 
_reflns.pdbx_aniso_B_tensor_eigenvector_3_ortho[3]     ? 
_reflns.pdbx_aniso_B_tensor_eigenvalue_1               ? 
_reflns.pdbx_aniso_B_tensor_eigenvalue_2               ? 
_reflns.pdbx_aniso_B_tensor_eigenvalue_3               ? 
_reflns.pdbx_orthogonalization_convention              ? 
_reflns.pdbx_percent_possible_ellipsoidal              ? 
_reflns.pdbx_percent_possible_spherical                ? 
_reflns.pdbx_percent_possible_ellipsoidal_anomalous    ? 
_reflns.pdbx_percent_possible_spherical_anomalous      ? 
_reflns.pdbx_redundancy_anomalous                      ? 
_reflns.pdbx_CC_half_anomalous                         ? 
_reflns.pdbx_absDiff_over_sigma_anomalous              ? 
_reflns.pdbx_percent_possible_anomalous                ? 
_reflns.pdbx_observed_signal_threshold                 ? 
_reflns.pdbx_signal_type                               ? 
_reflns.pdbx_signal_details                            ? 
_reflns.pdbx_signal_software_id                        ? 
# 
_reflns_shell.d_res_high                                    1.12 
_reflns_shell.d_res_low                                     1.16 
_reflns_shell.meanI_over_sigI_all                           ? 
_reflns_shell.meanI_over_sigI_obs                           2.55 
_reflns_shell.number_measured_all                           ? 
_reflns_shell.number_measured_obs                           ? 
_reflns_shell.number_possible                               ? 
_reflns_shell.number_unique_all                             ? 
_reflns_shell.number_unique_obs                             593 
_reflns_shell.percent_possible_obs                          ? 
_reflns_shell.Rmerge_F_all                                  ? 
_reflns_shell.Rmerge_F_obs                                  ? 
_reflns_shell.meanI_over_sigI_gt                            ? 
_reflns_shell.meanI_over_uI_all                             ? 
_reflns_shell.meanI_over_uI_gt                              ? 
_reflns_shell.number_measured_gt                            ? 
_reflns_shell.number_unique_gt                              ? 
_reflns_shell.percent_possible_gt                           ? 
_reflns_shell.Rmerge_F_gt                                   ? 
_reflns_shell.Rmerge_I_gt                                   ? 
_reflns_shell.pdbx_redundancy                               5.7 
_reflns_shell.pdbx_chi_squared                              ? 
_reflns_shell.pdbx_netI_over_sigmaI_all                     ? 
_reflns_shell.pdbx_netI_over_sigmaI_obs                     ? 
_reflns_shell.pdbx_Rrim_I_all                               0.8301 
_reflns_shell.pdbx_Rpim_I_all                               ? 
_reflns_shell.pdbx_rejects                                  ? 
_reflns_shell.pdbx_ordinal                                  1 
_reflns_shell.pdbx_diffrn_id                                1 
_reflns_shell.pdbx_CC_half                                  0.734 
_reflns_shell.pdbx_CC_star                                  ? 
_reflns_shell.pdbx_R_split                                  ? 
_reflns_shell.percent_possible_all                          94.59 
_reflns_shell.Rmerge_I_all                                  ? 
_reflns_shell.Rmerge_I_obs                                  0.7525 
_reflns_shell.pdbx_Rsym_value                               ? 
_reflns_shell.pdbx_percent_possible_ellipsoidal             ? 
_reflns_shell.pdbx_percent_possible_spherical               ? 
_reflns_shell.pdbx_percent_possible_ellipsoidal_anomalous   ? 
_reflns_shell.pdbx_percent_possible_spherical_anomalous     ? 
_reflns_shell.pdbx_redundancy_anomalous                     ? 
_reflns_shell.pdbx_CC_half_anomalous                        ? 
_reflns_shell.pdbx_absDiff_over_sigma_anomalous             ? 
_reflns_shell.pdbx_percent_possible_anomalous               ? 
# 
_refine.aniso_B[1][1]                            ? 
_refine.aniso_B[1][2]                            ? 
_refine.aniso_B[1][3]                            ? 
_refine.aniso_B[2][2]                            ? 
_refine.aniso_B[2][3]                            ? 
_refine.aniso_B[3][3]                            ? 
_refine.B_iso_max                                ? 
_refine.B_iso_mean                               10.67 
_refine.B_iso_min                                ? 
_refine.correlation_coeff_Fo_to_Fc               ? 
_refine.correlation_coeff_Fo_to_Fc_free          ? 
_refine.details                                  ? 
_refine.diff_density_max                         ? 
_refine.diff_density_max_esd                     ? 
_refine.diff_density_min                         ? 
_refine.diff_density_min_esd                     ? 
_refine.diff_density_rms                         ? 
_refine.diff_density_rms_esd                     ? 
_refine.entry_id                                 8V5X 
_refine.pdbx_refine_id                           'X-RAY DIFFRACTION' 
_refine.ls_abs_structure_details                 ? 
_refine.ls_abs_structure_Flack                   ? 
_refine.ls_abs_structure_Flack_esd               ? 
_refine.ls_abs_structure_Rogers                  ? 
_refine.ls_abs_structure_Rogers_esd              ? 
_refine.ls_d_res_high                            1.12 
_refine.ls_d_res_low                             17.55 
_refine.ls_extinction_coef                       ? 
_refine.ls_extinction_coef_esd                   ? 
_refine.ls_extinction_expression                 ? 
_refine.ls_extinction_method                     ? 
_refine.ls_goodness_of_fit_all                   ? 
_refine.ls_goodness_of_fit_all_esd               ? 
_refine.ls_goodness_of_fit_obs                   ? 
_refine.ls_goodness_of_fit_obs_esd               ? 
_refine.ls_hydrogen_treatment                    ? 
_refine.ls_matrix_type                           ? 
_refine.ls_number_constraints                    ? 
_refine.ls_number_parameters                     ? 
_refine.ls_number_reflns_all                     ? 
_refine.ls_number_reflns_obs                     6420 
_refine.ls_number_reflns_R_free                  1192 
_refine.ls_number_reflns_R_work                  10752 
_refine.ls_number_restraints                     ? 
_refine.ls_percent_reflns_obs                    95.98 
_refine.ls_percent_reflns_R_free                 9.98 
_refine.ls_R_factor_all                          ? 
_refine.ls_R_factor_obs                          0.1718 
_refine.ls_R_factor_R_free                       0.2170 
_refine.ls_R_factor_R_free_error                 ? 
_refine.ls_R_factor_R_free_error_details         ? 
_refine.ls_R_factor_R_work                       0.1668 
_refine.ls_R_Fsqd_factor_obs                     ? 
_refine.ls_R_I_factor_obs                        ? 
_refine.ls_redundancy_reflns_all                 ? 
_refine.ls_redundancy_reflns_obs                 ? 
_refine.ls_restrained_S_all                      ? 
_refine.ls_restrained_S_obs                      ? 
_refine.ls_shift_over_esd_max                    ? 
_refine.ls_shift_over_esd_mean                   ? 
_refine.ls_structure_factor_coef                 ? 
_refine.ls_weighting_details                     ? 
_refine.ls_weighting_scheme                      ? 
_refine.ls_wR_factor_all                         ? 
_refine.ls_wR_factor_obs                         ? 
_refine.ls_wR_factor_R_free                      ? 
_refine.ls_wR_factor_R_work                      ? 
_refine.occupancy_max                            ? 
_refine.occupancy_min                            ? 
_refine.solvent_model_details                    'FLAT BULK SOLVENT MODEL' 
_refine.solvent_model_param_bsol                 ? 
_refine.solvent_model_param_ksol                 ? 
_refine.pdbx_R_complete                          ? 
_refine.ls_R_factor_gt                           ? 
_refine.ls_goodness_of_fit_gt                    ? 
_refine.ls_goodness_of_fit_ref                   ? 
_refine.ls_shift_over_su_max                     ? 
_refine.ls_shift_over_su_max_lt                  ? 
_refine.ls_shift_over_su_mean                    ? 
_refine.ls_shift_over_su_mean_lt                 ? 
_refine.pdbx_ls_sigma_I                          ? 
_refine.pdbx_ls_sigma_F                          1.44 
_refine.pdbx_ls_sigma_Fsqd                       ? 
_refine.pdbx_data_cutoff_high_absF               ? 
_refine.pdbx_data_cutoff_high_rms_absF           ? 
_refine.pdbx_data_cutoff_low_absF                ? 
_refine.pdbx_isotropic_thermal_model             ? 
_refine.pdbx_ls_cross_valid_method               'FREE R-VALUE' 
_refine.pdbx_method_to_determine_struct          'MOLECULAR REPLACEMENT' 
_refine.pdbx_starting_model                      ? 
_refine.pdbx_stereochemistry_target_values       'GeoStd + Monomer Library + CDL v1.2' 
_refine.pdbx_R_Free_selection_details            ? 
_refine.pdbx_stereochem_target_val_spec_case     ? 
_refine.pdbx_overall_ESU_R                       ? 
_refine.pdbx_overall_ESU_R_Free                  ? 
_refine.pdbx_solvent_vdw_probe_radii             1.1000 
_refine.pdbx_solvent_ion_probe_radii             ? 
_refine.pdbx_solvent_shrinkage_radii             0.9000 
_refine.pdbx_real_space_R                        ? 
_refine.pdbx_density_correlation                 ? 
_refine.pdbx_pd_number_of_powder_patterns        ? 
_refine.pdbx_pd_number_of_points                 ? 
_refine.pdbx_pd_meas_number_of_points            ? 
_refine.pdbx_pd_proc_ls_prof_R_factor            ? 
_refine.pdbx_pd_proc_ls_prof_wR_factor           ? 
_refine.pdbx_pd_Marquardt_correlation_coeff      ? 
_refine.pdbx_pd_Fsqrd_R_factor                   ? 
_refine.pdbx_pd_ls_matrix_band_width             ? 
_refine.pdbx_overall_phase_error                 29.9154 
_refine.pdbx_overall_SU_R_free_Cruickshank_DPI   ? 
_refine.pdbx_overall_SU_R_free_Blow_DPI          ? 
_refine.pdbx_overall_SU_R_Blow_DPI               ? 
_refine.pdbx_TLS_residual_ADP_flag               ? 
_refine.pdbx_diffrn_id                           1 
_refine.overall_SU_B                             ? 
_refine.overall_SU_ML                            0.1591 
_refine.overall_SU_R_Cruickshank_DPI             ? 
_refine.overall_SU_R_free                        ? 
_refine.overall_FOM_free_R_set                   ? 
_refine.overall_FOM_work_R_set                   ? 
_refine.pdbx_average_fsc_overall                 ? 
_refine.pdbx_average_fsc_work                    ? 
_refine.pdbx_average_fsc_free                    ? 
# 
_refine_hist.pdbx_refine_id                   'X-RAY DIFFRACTION' 
_refine_hist.cycle_id                         LAST 
_refine_hist.details                          ? 
_refine_hist.d_res_high                       1.12 
_refine_hist.d_res_low                        17.55 
_refine_hist.number_atoms_solvent             6 
_refine_hist.number_atoms_total               206 
_refine_hist.number_reflns_all                ? 
_refine_hist.number_reflns_obs                ? 
_refine_hist.number_reflns_R_free             ? 
_refine_hist.number_reflns_R_work             ? 
_refine_hist.R_factor_all                     ? 
_refine_hist.R_factor_obs                     ? 
_refine_hist.R_factor_R_free                  ? 
_refine_hist.R_factor_R_work                  ? 
_refine_hist.pdbx_number_residues_total       ? 
_refine_hist.pdbx_B_iso_mean_ligand           ? 
_refine_hist.pdbx_B_iso_mean_solvent          ? 
_refine_hist.pdbx_number_atoms_protein        156 
_refine_hist.pdbx_number_atoms_nucleic_acid   0 
_refine_hist.pdbx_number_atoms_ligand         44 
_refine_hist.pdbx_number_atoms_lipid          ? 
_refine_hist.pdbx_number_atoms_carb           ? 
_refine_hist.pdbx_pseudo_atom_details         ? 
# 
loop_
_refine_ls_restr.pdbx_refine_id 
_refine_ls_restr.criterion 
_refine_ls_restr.dev_ideal 
_refine_ls_restr.dev_ideal_target 
_refine_ls_restr.number 
_refine_ls_restr.rejects 
_refine_ls_restr.type 
_refine_ls_restr.weight 
_refine_ls_restr.pdbx_restraint_function 
'X-RAY DIFFRACTION' ? 0.0102  ? 254 ? f_bond_d           ? ? 
'X-RAY DIFFRACTION' ? 1.8136  ? 349 ? f_angle_d          ? ? 
'X-RAY DIFFRACTION' ? 0.0730  ? 15  ? f_chiral_restr     ? ? 
'X-RAY DIFFRACTION' ? 0.0098  ? 43  ? f_plane_restr      ? ? 
'X-RAY DIFFRACTION' ? 40.6177 ? 46  ? f_dihedral_angle_d ? ? 
# 
loop_
_refine_ls_shell.pdbx_refine_id 
_refine_ls_shell.d_res_high 
_refine_ls_shell.d_res_low 
_refine_ls_shell.number_reflns_all 
_refine_ls_shell.number_reflns_obs 
_refine_ls_shell.number_reflns_R_free 
_refine_ls_shell.number_reflns_R_work 
_refine_ls_shell.percent_reflns_obs 
_refine_ls_shell.percent_reflns_R_free 
_refine_ls_shell.R_factor_all 
_refine_ls_shell.R_factor_obs 
_refine_ls_shell.R_factor_R_free_error 
_refine_ls_shell.R_factor_R_work 
_refine_ls_shell.redundancy_reflns_all 
_refine_ls_shell.redundancy_reflns_obs 
_refine_ls_shell.wR_factor_all 
_refine_ls_shell.wR_factor_obs 
_refine_ls_shell.wR_factor_R_free 
_refine_ls_shell.wR_factor_R_work 
_refine_ls_shell.pdbx_R_complete 
_refine_ls_shell.pdbx_total_number_of_bins_used 
_refine_ls_shell.pdbx_phase_error 
_refine_ls_shell.pdbx_fsc_work 
_refine_ls_shell.pdbx_fsc_free 
_refine_ls_shell.R_factor_R_free 
'X-RAY DIFFRACTION' 1.12 1.16  . . 120 1109 91.10 . . . . 0.2912 . . . . . . . . . . . 0.3558 
'X-RAY DIFFRACTION' 1.16 1.22  . . 134 1198 95.90 . . . . 0.2637 . . . . . . . . . . . 0.2830 
'X-RAY DIFFRACTION' 1.22 1.28  . . 140 1230 97.51 . . . . 0.2460 . . . . . . . . . . . 0.2926 
'X-RAY DIFFRACTION' 1.28 1.36  . . 134 1191 97.43 . . . . 0.2294 . . . . . . . . . . . 0.2907 
'X-RAY DIFFRACTION' 1.36 1.47  . . 133 1212 96.48 . . . . 0.1946 . . . . . . . . . . . 0.2471 
'X-RAY DIFFRACTION' 1.47 1.62  . . 123 1171 93.23 . . . . 0.1953 . . . . . . . . . . . 0.2453 
'X-RAY DIFFRACTION' 1.62 1.85  . . 139 1220 98.12 . . . . 0.1511 . . . . . . . . . . . 0.2258 
'X-RAY DIFFRACTION' 1.85 2.33  . . 136 1218 98.54 . . . . 0.1343 . . . . . . . . . . . 0.1699 
'X-RAY DIFFRACTION' 2.33 17.55 . . 133 1203 95.70 . . . . 0.1270 . . . . . . . . . . . 0.1780 
# 
_struct.entry_id                     8V5X 
_struct.title                        'UIC-1 mutant - UIC-1-L6A' 
_struct.pdbx_model_details           ? 
_struct.pdbx_formula_weight          ? 
_struct.pdbx_formula_weight_method   ? 
_struct.pdbx_model_type_details      ? 
_struct.pdbx_CASP_flag               N 
# 
_struct_keywords.entry_id        8V5X 
_struct_keywords.text            'synthetic construct, DE NOVO PROTEIN' 
_struct_keywords.pdbx_keywords   'DE NOVO PROTEIN' 
# 
loop_
_struct_asym.id 
_struct_asym.pdbx_blank_PDB_chainid_flag 
_struct_asym.pdbx_modified 
_struct_asym.entity_id 
_struct_asym.details 
A N N 1 ? 
B N N 1 ? 
C N N 2 ? 
D N N 2 ? 
E N N 3 ? 
F N N 3 ? 
# 
_struct_ref.id                         1 
_struct_ref.db_name                    PDB 
_struct_ref.db_code                    8V5X 
_struct_ref.pdbx_db_accession          8V5X 
_struct_ref.pdbx_db_isoform            ? 
_struct_ref.entity_id                  1 
_struct_ref.pdbx_seq_one_letter_code   ? 
_struct_ref.pdbx_align_begin           1 
# 
loop_
_struct_ref_seq.align_id 
_struct_ref_seq.ref_id 
_struct_ref_seq.pdbx_PDB_id_code 
_struct_ref_seq.pdbx_strand_id 
_struct_ref_seq.seq_align_beg 
_struct_ref_seq.pdbx_seq_align_beg_ins_code 
_struct_ref_seq.seq_align_end 
_struct_ref_seq.pdbx_seq_align_end_ins_code 
_struct_ref_seq.pdbx_db_accession 
_struct_ref_seq.db_align_beg 
_struct_ref_seq.pdbx_db_align_beg_ins_code 
_struct_ref_seq.db_align_end 
_struct_ref_seq.pdbx_db_align_end_ins_code 
_struct_ref_seq.pdbx_auth_seq_align_beg 
_struct_ref_seq.pdbx_auth_seq_align_end 
1 1 8V5X A 1 ? 11 ? 8V5X 1 ? 11 ? 1 11 
2 1 8V5X B 1 ? 11 ? 8V5X 1 ? 11 ? 1 11 
# 
loop_
_pdbx_struct_assembly.id 
_pdbx_struct_assembly.details 
_pdbx_struct_assembly.method_details 
_pdbx_struct_assembly.oligomeric_details 
_pdbx_struct_assembly.oligomeric_count 
1 author_defined_assembly ? monomeric 1 
2 author_defined_assembly ? monomeric 1 
# 
loop_
_pdbx_struct_assembly_gen.assembly_id 
_pdbx_struct_assembly_gen.oper_expression 
_pdbx_struct_assembly_gen.asym_id_list 
1 1 A,C,E 
2 1 B,D,F 
# 
_pdbx_struct_oper_list.id                   1 
_pdbx_struct_oper_list.type                 'identity operation' 
_pdbx_struct_oper_list.name                 1_555 
_pdbx_struct_oper_list.symmetry_operation   x,y,z 
_pdbx_struct_oper_list.matrix[1][1]         1.0000000000 
_pdbx_struct_oper_list.matrix[1][2]         0.0000000000 
_pdbx_struct_oper_list.matrix[1][3]         0.0000000000 
_pdbx_struct_oper_list.vector[1]            0.0000000000 
_pdbx_struct_oper_list.matrix[2][1]         0.0000000000 
_pdbx_struct_oper_list.matrix[2][2]         1.0000000000 
_pdbx_struct_oper_list.matrix[2][3]         0.0000000000 
_pdbx_struct_oper_list.vector[2]            0.0000000000 
_pdbx_struct_oper_list.matrix[3][1]         0.0000000000 
_pdbx_struct_oper_list.matrix[3][2]         0.0000000000 
_pdbx_struct_oper_list.matrix[3][3]         1.0000000000 
_pdbx_struct_oper_list.vector[3]            0.0000000000 
# 
loop_
_struct_conf.conf_type_id 
_struct_conf.id 
_struct_conf.pdbx_PDB_helix_id 
_struct_conf.beg_label_comp_id 
_struct_conf.beg_label_asym_id 
_struct_conf.beg_label_seq_id 
_struct_conf.pdbx_beg_PDB_ins_code 
_struct_conf.end_label_comp_id 
_struct_conf.end_label_asym_id 
_struct_conf.end_label_seq_id 
_struct_conf.pdbx_end_PDB_ins_code 
_struct_conf.beg_auth_comp_id 
_struct_conf.beg_auth_asym_id 
_struct_conf.beg_auth_seq_id 
_struct_conf.end_auth_comp_id 
_struct_conf.end_auth_asym_id 
_struct_conf.end_auth_seq_id 
_struct_conf.pdbx_PDB_helix_class 
_struct_conf.details 
_struct_conf.pdbx_PDB_helix_length 
HELX_P HELX_P1 AA1 LEU A 2 ? GLN A 8  ? LEU A 2 GLN A 8  1 ? 7 
HELX_P HELX_P2 AA2 AIB B 3 ? LEU B 10 ? AIB B 3 LEU B 10 1 ? 8 
# 
_struct_conf_type.id          HELX_P 
_struct_conf_type.criteria    ? 
_struct_conf_type.reference   ? 
# 
loop_
_struct_conn.id 
_struct_conn.conn_type_id 
_struct_conn.pdbx_leaving_atom_flag 
_struct_conn.pdbx_PDB_id 
_struct_conn.ptnr1_label_asym_id 
_struct_conn.ptnr1_label_comp_id 
_struct_conn.ptnr1_label_seq_id 
_struct_conn.ptnr1_label_atom_id 
_struct_conn.pdbx_ptnr1_label_alt_id 
_struct_conn.pdbx_ptnr1_PDB_ins_code 
_struct_conn.pdbx_ptnr1_standard_comp_id 
_struct_conn.ptnr1_symmetry 
_struct_conn.ptnr2_label_asym_id 
_struct_conn.ptnr2_label_comp_id 
_struct_conn.ptnr2_label_seq_id 
_struct_conn.ptnr2_label_atom_id 
_struct_conn.pdbx_ptnr2_label_alt_id 
_struct_conn.pdbx_ptnr2_PDB_ins_code 
_struct_conn.ptnr1_auth_asym_id 
_struct_conn.ptnr1_auth_comp_id 
_struct_conn.ptnr1_auth_seq_id 
_struct_conn.ptnr2_auth_asym_id 
_struct_conn.ptnr2_auth_comp_id 
_struct_conn.ptnr2_auth_seq_id 
_struct_conn.ptnr2_symmetry 
_struct_conn.pdbx_ptnr3_label_atom_id 
_struct_conn.pdbx_ptnr3_label_seq_id 
_struct_conn.pdbx_ptnr3_label_comp_id 
_struct_conn.pdbx_ptnr3_label_asym_id 
_struct_conn.pdbx_ptnr3_label_alt_id 
_struct_conn.pdbx_ptnr3_PDB_ins_code 
_struct_conn.details 
_struct_conn.pdbx_dist_value 
_struct_conn.pdbx_value_order 
_struct_conn.pdbx_role 
covale1  covale one  ? A I6W 1  C02 ? ? ? 1_555 A LEU 2  N   ? ? A I6W 1  A LEU 2  1_555 ? ? ? ? ? ? ? 1.430 ? ? 
covale2  covale both ? A LEU 2  C   ? ? ? 1_555 A AIB 3  N   ? ? A LEU 2  A AIB 3  1_555 ? ? ? ? ? ? ? 1.327 ? ? 
covale3  covale both ? A AIB 3  C   ? ? ? 1_555 A ALA 4  N   ? ? A AIB 3  A ALA 4  1_555 ? ? ? ? ? ? ? 1.342 ? ? 
covale4  covale both ? A ALA 4  C   ? ? ? 1_555 A AIB 5  N   ? ? A ALA 4  A AIB 5  1_555 ? ? ? ? ? ? ? 1.331 ? ? 
covale5  covale both ? A AIB 5  C   ? ? ? 1_555 A ALA 6  N   A ? A AIB 5  A ALA 6  1_555 ? ? ? ? ? ? ? 1.325 ? ? 
covale6  covale both ? A ALA 6  C   A ? ? 1_555 A AIB 7  N   ? ? A ALA 6  A AIB 7  1_555 ? ? ? ? ? ? ? 1.334 ? ? 
covale7  covale both ? A AIB 7  C   ? ? ? 1_555 A GLN 8  N   A ? A AIB 7  A GLN 8  1_555 ? ? ? ? ? ? ? 1.337 ? ? 
covale8  covale both ? A AIB 7  C   ? ? ? 1_555 A GLN 8  N   B ? A AIB 7  A GLN 8  1_555 ? ? ? ? ? ? ? 1.325 ? ? 
covale9  covale both ? A GLN 8  C   A ? ? 1_555 A AIB 9  N   ? ? A GLN 8  A AIB 9  1_555 ? ? ? ? ? ? ? 1.325 ? ? 
covale10 covale both ? A GLN 8  C   B ? ? 1_555 A AIB 9  N   ? ? A GLN 8  A AIB 9  1_555 ? ? ? ? ? ? ? 1.333 ? ? 
covale11 covale both ? A AIB 9  C   ? ? ? 1_555 A LEU 10 N   ? ? A AIB 9  A LEU 10 1_555 ? ? ? ? ? ? ? 1.341 ? ? 
covale12 covale one  ? A LEU 10 C   ? ? ? 1_555 A I77 11 N15 A ? A LEU 10 A I77 11 1_555 ? ? ? ? ? ? ? 1.425 ? ? 
covale13 covale one  ? A LEU 10 C   ? ? ? 1_555 A I77 11 N15 B ? A LEU 10 A I77 11 1_555 ? ? ? ? ? ? ? 1.424 ? ? 
covale14 covale one  ? B I6W 1  C02 ? ? ? 1_555 B LEU 2  N   ? ? B I6W 1  B LEU 2  1_555 ? ? ? ? ? ? ? 1.432 ? ? 
covale15 covale both ? B LEU 2  C   ? ? ? 1_555 B AIB 3  N   ? ? B LEU 2  B AIB 3  1_555 ? ? ? ? ? ? ? 1.333 ? ? 
covale16 covale both ? B AIB 3  C   ? ? ? 1_555 B ALA 4  N   ? ? B AIB 3  B ALA 4  1_555 ? ? ? ? ? ? ? 1.336 ? ? 
covale17 covale both ? B ALA 4  C   ? ? ? 1_555 B AIB 5  N   ? ? B ALA 4  B AIB 5  1_555 ? ? ? ? ? ? ? 1.336 ? ? 
covale18 covale both ? B AIB 5  C   ? ? ? 1_555 B ALA 6  N   ? ? B AIB 5  B ALA 6  1_555 ? ? ? ? ? ? ? 1.339 ? ? 
covale19 covale both ? B ALA 6  C   ? ? ? 1_555 B AIB 7  N   ? ? B ALA 6  B AIB 7  1_555 ? ? ? ? ? ? ? 1.320 ? ? 
covale20 covale both ? B AIB 7  C   ? ? ? 1_555 B GLN 8  N   ? ? B AIB 7  B GLN 8  1_555 ? ? ? ? ? ? ? 1.329 ? ? 
covale21 covale both ? B GLN 8  C   ? ? ? 1_555 B AIB 9  N   ? ? B GLN 8  B AIB 9  1_555 ? ? ? ? ? ? ? 1.328 ? ? 
covale22 covale both ? B AIB 9  C   ? ? ? 1_555 B LEU 10 N   ? ? B AIB 9  B LEU 10 1_555 ? ? ? ? ? ? ? 1.337 ? ? 
covale23 covale one  ? B LEU 10 C   ? ? ? 1_555 B I77 11 N15 A ? B LEU 10 B I77 11 1_555 ? ? ? ? ? ? ? 1.427 ? ? 
covale24 covale one  ? B LEU 10 C   ? ? ? 1_555 B I77 11 N15 B ? B LEU 10 B I77 11 1_555 ? ? ? ? ? ? ? 1.427 ? ? 
# 
_struct_conn_type.id          covale 
_struct_conn_type.criteria    ? 
_struct_conn_type.reference   ? 
# 
_pdbx_validate_close_contact.id               1 
_pdbx_validate_close_contact.PDB_model_num    1 
_pdbx_validate_close_contact.auth_atom_id_1   C 
_pdbx_validate_close_contact.auth_asym_id_1   A 
_pdbx_validate_close_contact.auth_comp_id_1   LEU 
_pdbx_validate_close_contact.auth_seq_id_1    10 
_pdbx_validate_close_contact.PDB_ins_code_1   ? 
_pdbx_validate_close_contact.label_alt_id_1   ? 
_pdbx_validate_close_contact.auth_atom_id_2   H1 
_pdbx_validate_close_contact.auth_asym_id_2   A 
_pdbx_validate_close_contact.auth_comp_id_2   I77 
_pdbx_validate_close_contact.auth_seq_id_2    11 
_pdbx_validate_close_contact.PDB_ins_code_2   ? 
_pdbx_validate_close_contact.label_alt_id_2   B 
_pdbx_validate_close_contact.dist             1.19 
# 
_pdbx_struct_special_symmetry.id              1 
_pdbx_struct_special_symmetry.PDB_model_num   1 
_pdbx_struct_special_symmetry.auth_asym_id    B 
_pdbx_struct_special_symmetry.auth_comp_id    HOH 
_pdbx_struct_special_symmetry.auth_seq_id     202 
_pdbx_struct_special_symmetry.PDB_ins_code    ? 
_pdbx_struct_special_symmetry.label_asym_id   F 
_pdbx_struct_special_symmetry.label_comp_id   HOH 
_pdbx_struct_special_symmetry.label_seq_id    . 
# 
loop_
_space_group_symop.id 
_space_group_symop.operation_xyz 
1 x,y,z           
2 -x,y,-z         
3 x+1/2,y+1/2,z   
4 -x+1/2,y+1/2,-z 
# 
_pdbx_entry_details.entry_id                 8V5X 
_pdbx_entry_details.has_ligand_of_interest   Y 
_pdbx_entry_details.compound_details         ? 
_pdbx_entry_details.source_details           ? 
_pdbx_entry_details.nonpolymer_details       ? 
_pdbx_entry_details.sequence_details         ? 
# 
loop_
_chem_comp_atom.comp_id 
_chem_comp_atom.atom_id 
_chem_comp_atom.type_symbol 
_chem_comp_atom.pdbx_aromatic_flag 
_chem_comp_atom.pdbx_stereo_config 
_chem_comp_atom.pdbx_ordinal 
AIB N    N N N 1   
AIB CA   C N N 2   
AIB C    C N N 3   
AIB O    O N N 4   
AIB OXT  O N N 5   
AIB CB1  C N N 6   
AIB CB2  C N N 7   
AIB H    H N N 8   
AIB H2   H N N 9   
AIB HXT  H N N 10  
AIB HB11 H N N 11  
AIB HB12 H N N 12  
AIB HB13 H N N 13  
AIB HB21 H N N 14  
AIB HB22 H N N 15  
AIB HB23 H N N 16  
ALA N    N N N 17  
ALA CA   C N S 18  
ALA C    C N N 19  
ALA O    O N N 20  
ALA CB   C N N 21  
ALA OXT  O N N 22  
ALA H    H N N 23  
ALA H2   H N N 24  
ALA HA   H N N 25  
ALA HB1  H N N 26  
ALA HB2  H N N 27  
ALA HB3  H N N 28  
ALA HXT  H N N 29  
CCN N    N N N 30  
CCN C1   C N N 31  
CCN C2   C N N 32  
CCN H21  H N N 33  
CCN H22  H N N 34  
CCN H23  H N N 35  
GLN N    N N N 36  
GLN CA   C N S 37  
GLN C    C N N 38  
GLN O    O N N 39  
GLN CB   C N N 40  
GLN CG   C N N 41  
GLN CD   C N N 42  
GLN OE1  O N N 43  
GLN NE2  N N N 44  
GLN OXT  O N N 45  
GLN H    H N N 46  
GLN H2   H N N 47  
GLN HA   H N N 48  
GLN HB2  H N N 49  
GLN HB3  H N N 50  
GLN HG2  H N N 51  
GLN HG3  H N N 52  
GLN HE21 H N N 53  
GLN HE22 H N N 54  
GLN HXT  H N N 55  
HOH O    O N N 56  
HOH H1   H N N 57  
HOH H2   H N N 58  
I6W C05  C Y N 59  
I6W C08  C Y N 60  
I6W C09  C Y N 61  
I6W N10  N Y N 62  
I6W C02  C N N 63  
I6W C03  C Y N 64  
I6W C04  C Y N 65  
I6W C06  C Y N 66  
I6W C11  C Y N 67  
I6W C12  C Y N 68  
I6W C13  C N N 69  
I6W C15  C N N 70  
I6W C16  C N N 71  
I6W C18  C Y N 72  
I6W C19  C Y N 73  
I6W N07  N Y N 74  
I6W O01  O N N 75  
I6W O14  O N N 76  
I6W O17  O N N 77  
I6W H051 H N N 78  
I6W H1   H N N 79  
I6W H041 H N N 80  
I6W H061 H N N 81  
I6W H111 H N N 82  
I6W H152 H N N 83  
I6W H151 H N N 84  
I6W H162 H N N 85  
I6W H163 H N N 86  
I6W H161 H N N 87  
I6W H181 H N N 88  
I6W H191 H N N 89  
I77 C11  C Y N 90  
I77 C12  C Y N 91  
I77 C13  C N N 92  
I77 C17  C Y N 93  
I77 C18  C Y N 94  
I77 C02  C N N 95  
I77 C03  C Y N 96  
I77 C04  C Y N 97  
I77 C05  C Y N 98  
I77 C06  C Y N 99  
I77 C08  C Y N 100 
I77 C09  C Y N 101 
I77 N01  N N N 102 
I77 N07  N Y N 103 
I77 N10  N Y N 104 
I77 N14  N N N 105 
I77 N15  N N N 106 
I77 O16  O N N 107 
I77 O19  O N N 108 
I77 H111 H N N 109 
I77 H171 H N N 110 
I77 H181 H N N 111 
I77 H041 H N N 112 
I77 H051 H N N 113 
I77 H061 H N N 114 
I77 H011 H N N 115 
I77 H012 H N N 116 
I77 H141 H N N 117 
I77 H1   H N N 118 
I77 H2   H N N 119 
LEU N    N N N 120 
LEU CA   C N S 121 
LEU C    C N N 122 
LEU O    O N N 123 
LEU CB   C N N 124 
LEU CG   C N N 125 
LEU CD1  C N N 126 
LEU CD2  C N N 127 
LEU OXT  O N N 128 
LEU H    H N N 129 
LEU H2   H N N 130 
LEU HA   H N N 131 
LEU HB2  H N N 132 
LEU HB3  H N N 133 
LEU HG   H N N 134 
LEU HD11 H N N 135 
LEU HD12 H N N 136 
LEU HD13 H N N 137 
LEU HD21 H N N 138 
LEU HD22 H N N 139 
LEU HD23 H N N 140 
LEU HXT  H N N 141 
# 
loop_
_chem_comp_bond.comp_id 
_chem_comp_bond.atom_id_1 
_chem_comp_bond.atom_id_2 
_chem_comp_bond.value_order 
_chem_comp_bond.pdbx_aromatic_flag 
_chem_comp_bond.pdbx_stereo_config 
_chem_comp_bond.pdbx_ordinal 
AIB N   CA   sing N N 1   
AIB N   H    sing N N 2   
AIB N   H2   sing N N 3   
AIB CA  C    sing N N 4   
AIB CA  CB1  sing N N 5   
AIB CA  CB2  sing N N 6   
AIB C   O    doub N N 7   
AIB C   OXT  sing N N 8   
AIB OXT HXT  sing N N 9   
AIB CB1 HB11 sing N N 10  
AIB CB1 HB12 sing N N 11  
AIB CB1 HB13 sing N N 12  
AIB CB2 HB21 sing N N 13  
AIB CB2 HB22 sing N N 14  
AIB CB2 HB23 sing N N 15  
ALA N   CA   sing N N 16  
ALA N   H    sing N N 17  
ALA N   H2   sing N N 18  
ALA CA  C    sing N N 19  
ALA CA  CB   sing N N 20  
ALA CA  HA   sing N N 21  
ALA C   O    doub N N 22  
ALA C   OXT  sing N N 23  
ALA CB  HB1  sing N N 24  
ALA CB  HB2  sing N N 25  
ALA CB  HB3  sing N N 26  
ALA OXT HXT  sing N N 27  
CCN N   C1   trip N N 28  
CCN C1  C2   sing N N 29  
CCN C2  H21  sing N N 30  
CCN C2  H22  sing N N 31  
CCN C2  H23  sing N N 32  
GLN N   CA   sing N N 33  
GLN N   H    sing N N 34  
GLN N   H2   sing N N 35  
GLN CA  C    sing N N 36  
GLN CA  CB   sing N N 37  
GLN CA  HA   sing N N 38  
GLN C   O    doub N N 39  
GLN C   OXT  sing N N 40  
GLN CB  CG   sing N N 41  
GLN CB  HB2  sing N N 42  
GLN CB  HB3  sing N N 43  
GLN CG  CD   sing N N 44  
GLN CG  HG2  sing N N 45  
GLN CG  HG3  sing N N 46  
GLN CD  OE1  doub N N 47  
GLN CD  NE2  sing N N 48  
GLN NE2 HE21 sing N N 49  
GLN NE2 HE22 sing N N 50  
GLN OXT HXT  sing N N 51  
HOH O   H1   sing N N 52  
HOH O   H2   sing N N 53  
I6W O01 C02  doub N N 54  
I6W C02 C03  sing N N 55  
I6W C03 C06  doub Y N 56  
I6W C03 C04  sing Y N 57  
I6W C06 N07  sing Y N 58  
I6W C04 C05  doub Y N 59  
I6W N07 C08  doub Y N 60  
I6W C05 C08  sing Y N 61  
I6W C08 C09  sing N N 62  
I6W C09 C19  doub Y N 63  
I6W C09 N10  sing Y N 64  
I6W C19 C18  sing Y N 65  
I6W N10 C11  doub Y N 66  
I6W C18 C12  doub Y N 67  
I6W C11 C12  sing Y N 68  
I6W C12 C13  sing N N 69  
I6W C13 O17  doub N N 70  
I6W C13 O14  sing N N 71  
I6W O14 C15  sing N N 72  
I6W C15 C16  sing N N 73  
I6W C05 H051 sing N N 74  
I6W C02 H1   sing N N 75  
I6W C04 H041 sing N N 76  
I6W C06 H061 sing N N 77  
I6W C11 H111 sing N N 78  
I6W C15 H152 sing N N 79  
I6W C15 H151 sing N N 80  
I6W C16 H162 sing N N 81  
I6W C16 H163 sing N N 82  
I6W C16 H161 sing N N 83  
I6W C18 H181 sing N N 84  
I6W C19 H191 sing N N 85  
I77 N15 N14  sing N N 86  
I77 O16 C13  doub N N 87  
I77 N14 C13  sing N N 88  
I77 C13 C12  sing N N 89  
I77 C12 C17  doub Y N 90  
I77 C12 C11  sing Y N 91  
I77 C17 C18  sing Y N 92  
I77 C11 N10  doub Y N 93  
I77 C18 C09  doub Y N 94  
I77 N10 C09  sing Y N 95  
I77 C09 C08  sing N N 96  
I77 C08 N07  doub Y N 97  
I77 C08 C05  sing Y N 98  
I77 N07 C06  sing Y N 99  
I77 C05 C04  doub Y N 100 
I77 C06 C03  doub Y N 101 
I77 C04 C03  sing Y N 102 
I77 C03 C02  sing N N 103 
I77 C02 N01  sing N N 104 
I77 C02 O19  doub N N 105 
I77 C11 H111 sing N N 106 
I77 C17 H171 sing N N 107 
I77 C18 H181 sing N N 108 
I77 C04 H041 sing N N 109 
I77 C05 H051 sing N N 110 
I77 C06 H061 sing N N 111 
I77 N01 H011 sing N N 112 
I77 N01 H012 sing N N 113 
I77 N14 H141 sing N N 114 
I77 N15 H1   sing N N 115 
I77 N15 H2   sing N N 116 
LEU N   CA   sing N N 117 
LEU N   H    sing N N 118 
LEU N   H2   sing N N 119 
LEU CA  C    sing N N 120 
LEU CA  CB   sing N N 121 
LEU CA  HA   sing N N 122 
LEU C   O    doub N N 123 
LEU C   OXT  sing N N 124 
LEU CB  CG   sing N N 125 
LEU CB  HB2  sing N N 126 
LEU CB  HB3  sing N N 127 
LEU CG  CD1  sing N N 128 
LEU CG  CD2  sing N N 129 
LEU CG  HG   sing N N 130 
LEU CD1 HD11 sing N N 131 
LEU CD1 HD12 sing N N 132 
LEU CD1 HD13 sing N N 133 
LEU CD2 HD21 sing N N 134 
LEU CD2 HD22 sing N N 135 
LEU CD2 HD23 sing N N 136 
LEU OXT HXT  sing N N 137 
# 
_pdbx_audit_support.funding_organization   'Department of Energy (DOE, United States)' 
_pdbx_audit_support.country                'United States' 
_pdbx_audit_support.grant_number           DE-AC02-06CH11357 
_pdbx_audit_support.ordinal                1 
# 
loop_
_pdbx_entity_instance_feature.ordinal 
_pdbx_entity_instance_feature.comp_id 
_pdbx_entity_instance_feature.asym_id 
_pdbx_entity_instance_feature.seq_num 
_pdbx_entity_instance_feature.auth_comp_id 
_pdbx_entity_instance_feature.auth_asym_id 
_pdbx_entity_instance_feature.auth_seq_num 
_pdbx_entity_instance_feature.feature_type 
_pdbx_entity_instance_feature.details 
1 AIB ? ? AIB ? ? 'SUBJECT OF INVESTIGATION' ? 
2 I6W ? ? I6W ? ? 'SUBJECT OF INVESTIGATION' ? 
3 I77 ? ? I77 ? ? 'SUBJECT OF INVESTIGATION' ? 
# 
_pdbx_initial_refinement_model.id               1 
_pdbx_initial_refinement_model.entity_id_list   ? 
_pdbx_initial_refinement_model.type             'experimental model' 
_pdbx_initial_refinement_model.source_name      PDB 
_pdbx_initial_refinement_model.accession_code   7TLS 
_pdbx_initial_refinement_model.details          ? 
# 
_space_group.name_H-M_alt     'C 1 2 1' 
_space_group.name_Hall        'C 2y' 
_space_group.IT_number        5 
_space_group.crystal_system   monoclinic 
_space_group.id               1 
# 
_atom_sites.entry_id                    8V5X 
_atom_sites.Cartn_transf_matrix[1][1]   ? 
_atom_sites.Cartn_transf_matrix[1][2]   ? 
_atom_sites.Cartn_transf_matrix[1][3]   ? 
_atom_sites.Cartn_transf_matrix[2][1]   ? 
_atom_sites.Cartn_transf_matrix[2][2]   ? 
_atom_sites.Cartn_transf_matrix[2][3]   ? 
_atom_sites.Cartn_transf_matrix[3][1]   ? 
_atom_sites.Cartn_transf_matrix[3][2]   ? 
_atom_sites.Cartn_transf_matrix[3][3]   ? 
_atom_sites.Cartn_transf_vector[1]      ? 
_atom_sites.Cartn_transf_vector[2]      ? 
_atom_sites.Cartn_transf_vector[3]      ? 
_atom_sites.Cartn_transform_axes        ? 
_atom_sites.fract_transf_matrix[1][1]   -0.01218816 
_atom_sites.fract_transf_matrix[1][2]   -0.01515907 
_atom_sites.fract_transf_matrix[1][3]   0.00576192 
_atom_sites.fract_transf_matrix[2][1]   -0.04192651 
_atom_sites.fract_transf_matrix[2][2]   0.03947665 
_atom_sites.fract_transf_matrix[2][3]   0.01517244 
_atom_sites.fract_transf_matrix[3][1]   -0.02615499 
_atom_sites.fract_transf_matrix[3][2]   -0.01153711 
_atom_sites.fract_transf_matrix[3][3]   -0.04225693 
_atom_sites.fract_transf_vector[1]      0.167464 
_atom_sites.fract_transf_vector[2]      -0.357831 
_atom_sites.fract_transf_vector[3]      0.511334 
_atom_sites.solution_primary            ? 
_atom_sites.solution_secondary          ? 
_atom_sites.solution_hydrogens          ? 
_atom_sites.special_details             ? 
# 
loop_
_atom_type.symbol 
_atom_type.scat_dispersion_real 
_atom_type.scat_dispersion_imag 
_atom_type.scat_Cromer_Mann_a1 
_atom_type.scat_Cromer_Mann_a2 
_atom_type.scat_Cromer_Mann_a3 
_atom_type.scat_Cromer_Mann_a4 
_atom_type.scat_Cromer_Mann_b1 
_atom_type.scat_Cromer_Mann_b2 
_atom_type.scat_Cromer_Mann_b3 
_atom_type.scat_Cromer_Mann_b4 
_atom_type.scat_Cromer_Mann_c 
_atom_type.scat_source 
_atom_type.scat_dispersion_source 
C ? ? 3.54356 2.42580 ? ? 25.62398 1.50364 ? ? 0.0 
;2-Gaussian fit: Grosse-Kunstleve RW, Sauter NK, Adams PD: Newsletter of the IUCr Commission on Crystallographic Computing 2004, 3, 22-31.
;
? 
H ? ? 0.51345 0.48472 ? ? 24.73122 6.32584 ? ? 0.0 
;2-Gaussian fit: Grosse-Kunstleve RW, Sauter NK, Adams PD: Newsletter of the IUCr Commission on Crystallographic Computing 2004, 3, 22-31.
;
? 
N ? ? 4.01032 2.96436 ? ? 19.97189 1.75589 ? ? 0.0 
;2-Gaussian fit: Grosse-Kunstleve RW, Sauter NK, Adams PD: Newsletter of the IUCr Commission on Crystallographic Computing 2004, 3, 22-31.
;
? 
O ? ? 4.49882 3.47563 ? ? 15.80542 1.70748 ? ? 0.0 
;2-Gaussian fit: Grosse-Kunstleve RW, Sauter NK, Adams PD: Newsletter of the IUCr Commission on Crystallographic Computing 2004, 3, 22-31.
;
? 
# 
loop_
_atom_site.group_PDB 
_atom_site.id 
_atom_site.type_symbol 
_atom_site.label_atom_id 
_atom_site.label_alt_id 
_atom_site.label_comp_id 
_atom_site.label_asym_id 
_atom_site.label_entity_id 
_atom_site.label_seq_id 
_atom_site.pdbx_PDB_ins_code 
_atom_site.Cartn_x 
_atom_site.Cartn_y 
_atom_site.Cartn_z 
_atom_site.occupancy 
_atom_site.B_iso_or_equiv 
_atom_site.pdbx_formal_charge 
_atom_site.auth_seq_id 
_atom_site.auth_comp_id 
_atom_site.auth_asym_id 
_atom_site.auth_atom_id 
_atom_site.pdbx_PDB_model_num 
HETATM 1   C C05  . I6W A 1 1  ? -3.01972 10.19639  -2.74388  1.000 9.90314  ? 1   I6W A C05  1 
HETATM 2   C C08  . I6W A 1 1  ? -4.03005 11.03436  -2.40157  1.000 10.26870 ? 1   I6W A C08  1 
HETATM 3   C C09  . I6W A 1 1  ? -3.91567 12.49052  -2.78063  1.000 9.94309  ? 1   I6W A C09  1 
HETATM 4   N N10  . I6W A 1 1  ? -2.85601 12.90410  -3.43596  1.000 9.88573  ? 1   I6W A N10  1 
HETATM 5   C C02  . I6W A 1 1  ? -4.24846 6.95364   -1.33635  1.000 10.09074 ? 1   I6W A C02  1 
HETATM 6   C C03  . I6W A 1 1  ? -4.20730 8.43208   -1.72415  1.000 9.06108  ? 1   I6W A C03  1 
HETATM 7   C C04  . I6W A 1 1  ? -3.08840 8.85145   -2.39813  1.000 9.33694  ? 1   I6W A C04  1 
HETATM 8   C C06  . I6W A 1 1  ? -5.20228 9.32351   -1.36933  1.000 10.99234 ? 1   I6W A C06  1 
HETATM 9   C C11  . I6W A 1 1  ? -2.70017 14.17356  -3.78553  1.000 10.38741 ? 1   I6W A C11  1 
HETATM 10  C C12  . I6W A 1 1  ? -3.66422 15.08924  -3.44085  1.000 11.78320 ? 1   I6W A C12  1 
HETATM 11  C C13  . I6W A 1 1  ? -3.52114 16.57852  -3.80910  1.000 12.59158 ? 1   I6W A C13  1 
HETATM 12  C C15  . I6W A 1 1  ? -4.48494 18.76600  -3.65549  1.000 15.60143 ? 1   I6W A C15  1 
HETATM 13  C C16  . I6W A 1 1  ? -5.82155 19.40973  -3.21721  1.000 15.76990 ? 1   I6W A C16  1 
HETATM 14  C C18  . I6W A 1 1  ? -4.77482 14.69099  -2.75843  1.000 10.21178 ? 1   I6W A C18  1 
HETATM 15  C C19  . I6W A 1 1  ? -4.89624 13.35812  -2.39827  1.000 9.40608  ? 1   I6W A C19  1 
HETATM 16  N N07  . I6W A 1 1  ? -5.08744 10.60681  -1.72326  1.000 11.22884 ? 1   I6W A N07  1 
HETATM 17  O O01  . I6W A 1 1  ? -3.60482 6.12944   -1.92523  1.000 9.73200  ? 1   I6W A O01  1 
HETATM 18  O O14  . I6W A 1 1  ? -4.55741 17.38238  -3.30057  1.000 14.87107 ? 1   I6W A O14  1 
HETATM 19  O O17  . I6W A 1 1  ? -2.61020 16.99896  -4.40386  1.000 14.10734 ? 1   I6W A O17  1 
HETATM 20  H H051 . I6W A 1 1  ? -2.17335 10.56936  -3.27790  1.000 11.88452 ? 1   I6W A H051 1 
HETATM 21  H H041 . I6W A 1 1  ? -2.26440 8.13910   -2.65886  1.000 11.20508 ? 1   I6W A H041 1 
HETATM 22  H H061 . I6W A 1 1  ? -6.06820 8.98396   -0.80870  1.000 13.19156 ? 1   I6W A H061 1 
HETATM 23  H H111 . I6W A 1 1  ? -1.83649 14.48026  -4.32796  1.000 12.46564 ? 1   I6W A H111 1 
HETATM 24  H H152 . I6W A 1 1  ? -3.65777 19.23933  -3.14107  1.000 18.72246 ? 1   I6W A H152 1 
HETATM 25  H H151 . I6W A 1 1  ? -4.35556 18.86939  -4.72575  1.000 18.72246 ? 1   I6W A H151 1 
HETATM 26  H H162 . I6W A 1 1  ? -5.83240 20.47474  -3.51533  1.000 18.92462 ? 1   I6W A H162 1 
HETATM 27  H H163 . I6W A 1 1  ? -5.92444 19.33273  -2.11871  1.000 18.92462 ? 1   I6W A H163 1 
HETATM 28  H H161 . I6W A 1 1  ? -6.66195 18.88126  -3.70473  1.000 18.92462 ? 1   I6W A H161 1 
HETATM 29  H H181 . I6W A 1 1  ? -5.55458 15.40742  -2.49993  1.000 12.25488 ? 1   I6W A H181 1 
HETATM 30  H H191 . I6W A 1 1  ? -5.75330 13.01222  -1.82422  1.000 11.28805 ? 1   I6W A H191 1 
ATOM   31  N N    . LEU A 1 2  ? -5.41316 6.53770   -0.61909  1.000 8.98854  ? 2   LEU A N    1 
ATOM   32  C CA   . LEU A 1 2  ? -5.58533 5.12533   -0.28498  1.000 8.45456  ? 2   LEU A CA   1 
ATOM   33  C C    . LEU A 1 2  ? -5.71283 4.22364   -1.50973  1.000 8.91468  ? 2   LEU A C    1 
ATOM   34  O O    . LEU A 1 2  ? -5.18224 3.12878   -1.51278  1.000 8.72377  ? 2   LEU A O    1 
ATOM   35  C CB   . LEU A 1 2  ? -6.79120 4.96657   0.63687   1.000 8.34727  ? 2   LEU A CB   1 
ATOM   36  C CG   . LEU A 1 2  ? -7.09242 3.55550   1.13007   1.000 8.62156  ? 2   LEU A CG   1 
ATOM   37  C CD1  . LEU A 1 2  ? -5.92475 2.93666   1.86603   1.000 9.15074  ? 2   LEU A CD1  1 
ATOM   38  C CD2  . LEU A 1 2  ? -8.29751 3.58363   2.03797   1.000 8.70741  ? 2   LEU A CD2  1 
ATOM   39  H H    . LEU A 1 2  ? -6.08229 7.03704   -0.38251  1.000 10.78700 ? 2   LEU A H    1 
ATOM   40  H HA   . LEU A 1 2  ? -4.78889 4.81982   0.17681   1.000 10.14622 ? 2   LEU A HA   1 
ATOM   41  H HB2  . LEU A 1 2  ? -6.64333 5.51691   1.42182   1.000 10.01747 ? 2   LEU A HB2  1 
ATOM   42  H HB3  . LEU A 1 2  ? -7.57695 5.27477   0.15883   1.000 10.01747 ? 2   LEU A HB3  1 
ATOM   43  H HG   . LEU A 1 2  ? -7.26865 3.00076   0.35411   1.000 10.34662 ? 2   LEU A HG   1 
ATOM   44  H HD11 . LEU A 1 2  ? -6.19654 2.07677   2.22328   1.000 10.98164 ? 2   LEU A HD11 1 
ATOM   45  H HD12 . LEU A 1 2  ? -5.18743 2.81945   1.24674   1.000 10.98164 ? 2   LEU A HD12 1 
ATOM   46  H HD13 . LEU A 1 2  ? -5.65893 3.52615   2.58905   1.000 10.98164 ? 2   LEU A HD13 1 
ATOM   47  H HD21 . LEU A 1 2  ? -8.43445 2.69775   2.40857   1.000 10.44964 ? 2   LEU A HD21 1 
ATOM   48  H HD22 . LEU A 1 2  ? -8.13977 4.22036   2.75252   1.000 10.44964 ? 2   LEU A HD22 1 
ATOM   49  H HD23 . LEU A 1 2  ? -9.07487 3.85046   1.52279   1.000 10.44964 ? 2   LEU A HD23 1 
HETATM 50  N N    . AIB A 1 3  ? -6.42991 4.68652   -2.52625  1.000 8.56213  ? 3   AIB A N    1 
HETATM 51  C CA   . AIB A 1 3  ? -6.60188 3.88699   -3.74025  1.000 8.89179  ? 3   AIB A CA   1 
HETATM 52  C C    . AIB A 1 3  ? -5.24927 3.49544   -4.33962  1.000 9.29021  ? 3   AIB A C    1 
HETATM 53  O O    . AIB A 1 3  ? -5.03647 2.40182   -4.85869  1.000 10.11525 ? 3   AIB A O    1 
HETATM 54  C CB1  . AIB A 1 3  ? -7.43339 2.60274   -3.51005  1.000 9.34196  ? 3   AIB A CB1  1 
HETATM 55  C CB2  . AIB A 1 3  ? -7.30785 4.66470   -4.86301  1.000 10.27395 ? 3   AIB A CB2  1 
HETATM 56  H H    . AIB A 1 3  ? -7.14654 5.38117   -2.44935  1.000 10.27531 ? 3   AIB A H    1 
HETATM 57  H HB11 . AIB A 1 3  ? -7.50315 2.02390   -4.46164  1.000 11.21110 ? 3   AIB A HB11 1 
HETATM 58  H HB12 . AIB A 1 3  ? -6.94329 1.97163   -2.73098  1.000 11.21110 ? 3   AIB A HB12 1 
HETATM 59  H HB13 . AIB A 1 3  ? -8.46059 2.87543   -3.16952  1.000 11.21110 ? 3   AIB A HB13 1 
HETATM 60  H HB21 . AIB A 1 3  ? -7.30176 4.04741   -5.79393  1.000 12.32949 ? 3   AIB A HB21 1 
HETATM 61  H HB22 . AIB A 1 3  ? -8.36033 4.87607   -4.55431  1.000 12.32949 ? 3   AIB A HB22 1 
HETATM 62  H HB23 . AIB A 1 3  ? -6.76394 5.62415   -5.03992  1.000 12.32949 ? 3   AIB A HB23 1 
ATOM   63  N N    . ALA A 1 4  ? -4.31302 4.45446   -4.27677  1.000 9.97565  ? 4   ALA A N    1 
ATOM   64  C CA   . ALA A 1 4  ? -2.98060 4.26575   -4.84204  1.000 10.34442 ? 4   ALA A CA   1 
ATOM   65  C C    . ALA A 1 4  ? -2.14780 3.32358   -3.98173  1.000 10.03935 ? 4   ALA A C    1 
ATOM   66  O O    . ALA A 1 4  ? -1.47850 2.45062   -4.50899  1.000 11.05287 ? 4   ALA A O    1 
ATOM   67  C CB   . ALA A 1 4  ? -2.27826 5.59073   -5.01048  1.000 11.55240 ? 4   ALA A CB   1 
ATOM   68  H H    . ALA A 1 4  ? -4.43103 5.22321   -3.90976  1.000 11.97152 ? 4   ALA A H    1 
ATOM   69  H HA   . ALA A 1 4  ? -3.07111 3.86635   -5.72135  1.000 12.41406 ? 4   ALA A HA   1 
ATOM   70  H HB1  . ALA A 1 4  ? -2.79897 6.15053   -5.60744  1.000 13.86363 ? 4   ALA A HB1  1 
ATOM   71  H HB2  . ALA A 1 4  ? -2.19726 6.01770   -4.14328  1.000 13.86363 ? 4   ALA A HB2  1 
ATOM   72  H HB3  . ALA A 1 4  ? -1.39761 5.43580   -5.38644  1.000 13.86363 ? 4   ALA A HB3  1 
HETATM 73  N N    . AIB A 1 5  ? -2.21199 3.49434   -2.66338  1.000 10.49145 ? 5   AIB A N    1 
HETATM 74  C CA   . AIB A 1 5  ? -1.56724 2.59204   -1.73581  1.000 10.13213 ? 5   AIB A CA   1 
HETATM 75  C C    . AIB A 1 5  ? -1.93594 1.12756   -2.02753  1.000 9.78443  ? 5   AIB A C    1 
HETATM 76  O O    . AIB A 1 5  ? -1.13208 0.20897   -2.05219  1.000 11.08159 ? 5   AIB A O    1 
HETATM 77  C CB1  . AIB A 1 5  ? -0.03434 2.72327   -1.74186  1.000 10.96421 ? 5   AIB A CB1  1 
HETATM 78  C CB2  . AIB A 1 5  ? -2.04081 2.91398   -0.30819  1.000 10.08353 ? 5   AIB A CB2  1 
HETATM 79  H H    . AIB A 1 5  ? -2.38167 4.37534   -2.21949  1.000 12.59049 ? 5   AIB A H    1 
HETATM 80  H HB11 . AIB A 1 5  ? 0.41945  1.86025   -1.19898  1.000 13.15781 ? 5   AIB A HB11 1 
HETATM 81  H HB12 . AIB A 1 5  ? 0.33844  2.73293   -2.79373  1.000 13.15781 ? 5   AIB A HB12 1 
HETATM 82  H HB13 . AIB A 1 5  ? 0.26412  3.67292   -1.23736  1.000 13.15781 ? 5   AIB A HB13 1 
HETATM 83  H HB21 . AIB A 1 5  ? -1.44867 2.30631   0.41829   1.000 12.10098 ? 5   AIB A HB21 1 
HETATM 84  H HB22 . AIB A 1 5  ? -1.88522 4.00200   -0.10892  1.000 12.10098 ? 5   AIB A HB22 1 
HETATM 85  H HB23 . AIB A 1 5  ? -3.12547 2.66269   -0.21831  1.000 12.10098 ? 5   AIB A HB23 1 
ATOM   86  N N    A ALA A 1 6  ? -3.22609 0.91242   -2.23869  1.000 9.74737  ? 6   ALA A N    1 
ATOM   87  C CA   A ALA A 1 6  ? -3.75202 -0.43321  -2.48655  1.000 8.82278  ? 6   ALA A CA   1 
ATOM   88  C C    A ALA A 1 6  ? -3.25759 -0.97673  -3.82297  1.000 7.99494  ? 6   ALA A C    1 
ATOM   89  O O    A ALA A 1 6  ? -2.80532 -2.11639  -3.91834  1.000 8.19945  ? 6   ALA A O    1 
ATOM   90  C CB   A ALA A 1 6  ? -5.28873 -0.45743  -2.44893  1.000 10.01756 ? 6   ALA A CB   1 
ATOM   91  H H    A ALA A 1 6  ? -3.82565 1.52896   -2.24466  1.000 11.69759 ? 6   ALA A H    1 
ATOM   92  H HA   A ALA A 1 6  ? -3.43314 -1.01166  -1.77618  1.000 10.58809 ? 6   ALA A HA   1 
ATOM   93  H HB1  A ALA A 1 6  ? -5.59422 -1.36454  -2.60623  1.000 12.02182 ? 6   ALA A HB1  1 
ATOM   94  H HB2  A ALA A 1 6  ? -5.58812 -0.15398  -1.57762  1.000 12.02182 ? 6   ALA A HB2  1 
ATOM   95  H HB3  A ALA A 1 6  ? -5.63085 0.13130   -3.13976  1.000 12.02182 ? 6   ALA A HB3  1 
HETATM 96  N N    . AIB A 1 7  ? -3.38109 -0.17046  -4.87800  1.000 9.15640  ? 7   AIB A N    1 
HETATM 97  C CA   . AIB A 1 7  ? -2.91899 -0.53148  -6.20957  1.000 8.53848  ? 7   AIB A CA   1 
HETATM 98  C C    . AIB A 1 7  ? -1.45449 -0.99840  -6.22055  1.000 9.27882  ? 7   AIB A C    1 
HETATM 99  O O    . AIB A 1 7  ? -1.04595 -1.89107  -6.97802  1.000 9.11037  ? 7   AIB A O    1 
HETATM 100 C CB1  . AIB A 1 7  ? -3.77247 -1.65466  -6.81337  1.000 10.71369 ? 7   AIB A CB1  1 
HETATM 101 C CB2  . AIB A 1 7  ? -2.99251 0.67085   -7.16891  1.000 9.80506  ? 7   AIB A CB2  1 
HETATM 102 H H    . AIB A 1 7  ? -3.46068 0.82517   -4.81176  1.000 10.98843 ? 7   AIB A H    1 
HETATM 103 H HB11 . AIB A 1 7  ? -3.40296 -1.89899  -7.83769  1.000 12.85717 ? 7   AIB A HB11 1 
HETATM 104 H HB12 . AIB A 1 7  ? -3.70517 -2.56508  -6.17144  1.000 12.85717 ? 7   AIB A HB12 1 
HETATM 105 H HB13 . AIB A 1 7  ? -4.83731 -1.32643  -6.87528  1.000 12.85717 ? 7   AIB A HB13 1 
HETATM 106 H HB21 . AIB A 1 7  ? -2.59433 0.36600   -8.16701  1.000 11.76682 ? 7   AIB A HB21 1 
HETATM 107 H HB22 . AIB A 1 7  ? -4.05710 0.99438   -7.26737  1.000 11.76682 ? 7   AIB A HB22 1 
HETATM 108 H HB23 . AIB A 1 7  ? -2.37838 1.50657   -6.75409  1.000 11.76682 ? 7   AIB A HB23 1 
ATOM   109 N N    A GLN A 1 8  ? -0.66725 -0.35877  -5.34920  0.583 10.26432 ? 8   GLN A N    1 
ATOM   110 N N    B GLN A 1 8  ? -0.63903 -0.39203  -5.37051  0.417 10.37092 ? 8   GLN A N    1 
ATOM   111 C CA   A GLN A 1 8  ? 0.76900  -0.63649  -5.21344  0.583 10.11824 ? 8   GLN A CA   1 
ATOM   112 C CA   B GLN A 1 8  ? 0.78190  -0.70591  -5.40266  0.417 10.46615 ? 8   GLN A CA   1 
ATOM   113 C C    A GLN A 1 8  ? 1.07390  -2.09004  -4.86891  0.583 8.95167  ? 8   GLN A C    1 
ATOM   114 C C    B GLN A 1 8  ? 1.10614  -2.09519  -4.83574  0.417 9.11188  ? 8   GLN A C    1 
ATOM   115 O O    A GLN A 1 8  ? 2.17517  -2.56648  -5.12299  0.583 8.17914  ? 8   GLN A O    1 
ATOM   116 O O    B GLN A 1 8  ? 2.25076  -2.53991  -4.91924  0.417 9.11117  ? 8   GLN A O    1 
ATOM   117 C CB   A GLN A 1 8  ? 1.40552  0.26487   -4.15276  0.583 12.52023 ? 8   GLN A CB   1 
ATOM   118 C CB   B GLN A 1 8  ? 1.59879  0.39719   -4.73192  0.417 12.46252 ? 8   GLN A CB   1 
ATOM   119 C CG   A GLN A 1 8  ? 1.91325  1.55879   -4.69963  0.583 12.97152 ? 8   GLN A CG   1 
ATOM   120 C CG   B GLN A 1 8  ? 1.71686  1.64012   -5.59987  0.417 14.47263 ? 8   GLN A CG   1 
ATOM   121 C CD   A GLN A 1 8  ? 3.26552  1.41267   -5.36197  0.583 14.81721 ? 8   GLN A CD   1 
ATOM   122 C CD   B GLN A 1 8  ? 2.46515  1.37856   -6.89371  0.417 16.62547 ? 8   GLN A CD   1 
ATOM   123 O OE1  A GLN A 1 8  ? 3.94552  0.38701   -5.22892  0.583 16.92225 ? 8   GLN A OE1  1 
ATOM   124 O OE1  B GLN A 1 8  ? 3.68666  1.47490   -6.93581  0.417 17.72290 ? 8   GLN A OE1  1 
ATOM   125 N NE2  A GLN A 1 8  ? 3.66572  2.44098   -6.08724  0.583 15.71750 ? 8   GLN A NE2  1 
ATOM   126 N NE2  B GLN A 1 8  ? 1.73407  1.03312   -7.95219  0.417 18.31561 ? 8   GLN A NE2  1 
ATOM   127 H H    A GLN A 1 8  ? -0.94576 0.25359   -4.81343  0.583 12.31794 ? 8   GLN A H    1 
ATOM   128 H H    B GLN A 1 8  ? -0.87672 0.18844   -4.78216  0.417 12.44585 ? 8   GLN A H    1 
ATOM   129 H HA   A GLN A 1 8  ? 1.16875  -0.45110  -6.07759  0.583 12.14263 ? 8   GLN A HA   1 
ATOM   130 H HA   B GLN A 1 8  ? 1.06101  -0.74139  -6.33096  0.417 12.56013 ? 8   GLN A HA   1 
ATOM   131 H HB2  A GLN A 1 8  ? 0.74157  0.46824   -3.47546  0.583 15.02502 ? 8   GLN A HB2  1 
ATOM   132 H HB2  B GLN A 1 8  ? 1.16803  0.64956   -3.90026  0.417 14.95577 ? 8   GLN A HB2  1 
ATOM   133 H HB3  A GLN A 1 8  ? 2.15484  -0.20351  -3.75271  0.583 15.02502 ? 8   GLN A HB3  1 
ATOM   134 H HB3  B GLN A 1 8  ? 2.49332  0.06634   -4.55515  0.417 14.95577 ? 8   GLN A HB3  1 
ATOM   135 H HG2  A GLN A 1 8  ? 1.28733  1.89110   -5.36196  0.583 15.56657 ? 8   GLN A HG2  1 
ATOM   136 H HG2  B GLN A 1 8  ? 0.82741  1.95472   -5.82529  0.417 17.36790 ? 8   GLN A HG2  1 
ATOM   137 H HG3  A GLN A 1 8  ? 1.99981  2.19775   -3.97496  0.583 15.56657 ? 8   GLN A HG3  1 
ATOM   138 H HG3  B GLN A 1 8  ? 2.19643  2.32525   -5.10842  0.417 17.36790 ? 8   GLN A HG3  1 
ATOM   139 H HE21 A GLN A 1 8  ? 3.16565  3.13691   -6.15935  0.583 18.86175 ? 8   GLN A HE21 1 
ATOM   140 H HE21 B GLN A 1 8  ? 2.11666  0.87548   -8.70610  0.417 21.97948 ? 8   GLN A HE21 1 
ATOM   141 H HE22 A GLN A 1 8  ? 4.42646  2.41477   -6.48749  0.583 18.86175 ? 8   GLN A HE22 1 
ATOM   142 H HE22 B GLN A 1 8  ? 0.87947  0.96773   -7.88170  0.417 21.97948 ? 8   GLN A HE22 1 
HETATM 143 N N    . AIB A 1 9  ? 0.10885  -2.80047  -4.30250  1.000 8.29771  ? 9   AIB A N    1 
HETATM 144 C CA   . AIB A 1 9  ? 0.27832  -4.21342  -3.99723  1.000 8.35198  ? 9   AIB A CA   1 
HETATM 145 C C    . AIB A 1 9  ? 0.84084  -4.97645  -5.21813  1.000 8.59605  ? 9   AIB A C    1 
HETATM 146 O O    . AIB A 1 9  ? 1.65330  -5.90187  -5.12855  1.000 9.17838  ? 9   AIB A O    1 
HETATM 147 C CB1  . AIB A 1 9  ? 1.21888  -4.45304  -2.79574  1.000 9.23719  ? 9   AIB A CB1  1 
HETATM 148 C CB2  . AIB A 1 9  ? -1.08983 -4.86194  -3.73354  1.000 9.07410  ? 9   AIB A CB2  1 
HETATM 149 H H    . AIB A 1 9  ? -0.86410 -2.57025  -4.35118  1.000 9.95800  ? 9   AIB A H    1 
HETATM 150 H HB11 . AIB A 1 9  ? 1.25631  -5.54290  -2.55856  1.000 11.08538 ? 9   AIB A HB11 1 
HETATM 151 H HB12 . AIB A 1 9  ? 2.24630  -4.09557  -3.04490  1.000 11.08538 ? 9   AIB A HB12 1 
HETATM 152 H HB13 . AIB A 1 9  ? 0.84162  -3.89583  -1.90543  1.000 11.08538 ? 9   AIB A HB13 1 
HETATM 153 H HB21 . AIB A 1 9  ? -0.94702 -5.95544  -3.55598  1.000 10.88967 ? 9   AIB A HB21 1 
HETATM 154 H HB22 . AIB A 1 9  ? -1.55073 -4.38795  -2.83321  1.000 10.88967 ? 9   AIB A HB22 1 
HETATM 155 H HB23 . AIB A 1 9  ? -1.74591 -4.70418  -4.62369  1.000 10.88967 ? 9   AIB A HB23 1 
ATOM   156 N N    . LEU A 1 10 ? 0.37569  -4.54464  -6.39911  1.000 8.21735  ? 10  LEU A N    1 
ATOM   157 C CA   . LEU A 1 10 ? 0.77077  -5.16450  -7.67468  1.000 7.48660  ? 10  LEU A CA   1 
ATOM   158 C C    . LEU A 1 10 ? 1.66252  -4.24575  -8.50290  1.000 8.26617  ? 10  LEU A C    1 
ATOM   159 O O    . LEU A 1 10 ? 1.82302  -4.38025  -9.71667  1.000 8.77548  ? 10  LEU A O    1 
ATOM   160 C CB   . LEU A 1 10 ? -0.45637 -5.54073  -8.48704  1.000 9.86722  ? 10  LEU A CB   1 
ATOM   161 C CG   . LEU A 1 10 ? -1.36130 -6.57551  -7.82243  1.000 12.28039 ? 10  LEU A CG   1 
ATOM   162 C CD1  . LEU A 1 10 ? -2.46850 -6.96618  -8.77545  1.000 12.75531 ? 10  LEU A CD1  1 
ATOM   163 C CD2  . LEU A 1 10 ? -0.56996 -7.78955  -7.35372  1.000 13.91263 ? 10  LEU A CD2  1 
ATOM   164 H H    . LEU A 1 10 ? -0.17395 -3.88947  -6.48987  1.000 9.86157  ? 10  LEU A H    1 
ATOM   165 H HA   . LEU A 1 10 ? 1.27435  -5.96914  -7.47500  1.000 8.98467  ? 10  LEU A HA   1 
ATOM   166 H HB2  . LEU A 1 10 ? -0.98463 -4.74099  -8.63624  1.000 11.84141 ? 10  LEU A HB2  1 
ATOM   167 H HB3  . LEU A 1 10 ? -0.16374 -5.90815  -9.33573  1.000 11.84141 ? 10  LEU A HB3  1 
ATOM   168 H HG   . LEU A 1 10 ? -1.76338 -6.18931  -7.02865  1.000 14.73721 ? 10  LEU A HG   1 
ATOM   169 H HD11 . LEU A 1 10 ? -3.04533 -7.61377  -8.34094  1.000 15.30712 ? 10  LEU A HD11 1 
ATOM   170 H HD12 . LEU A 1 10 ? -2.97758 -6.17442  -9.00968  1.000 15.30712 ? 10  LEU A HD12 1 
ATOM   171 H HD13 . LEU A 1 10 ? -2.07627 -7.35511  -9.57281  1.000 15.30712 ? 10  LEU A HD13 1 
ATOM   172 H HD21 . LEU A 1 10 ? -1.18722 -8.50986  -7.15111  1.000 16.69590 ? 10  LEU A HD21 1 
ATOM   173 H HD22 . LEU A 1 10 ? 0.03688  -8.06265  -8.05945  1.000 16.69590 ? 10  LEU A HD22 1 
ATOM   174 H HD23 . LEU A 1 10 ? -0.06733 -7.55131  -6.55905  1.000 16.69590 ? 10  LEU A HD23 1 
HETATM 175 C C11  A I77 A 1 11 ? 5.51387  -0.80299  -9.09949  0.472 11.80889 ? 11  I77 A C11  1 
HETATM 176 C C11  B I77 A 1 11 ? 5.17114  -0.38719  -8.90486  0.528 6.55451  ? 11  I77 A C11  1 
HETATM 177 C C12  A I77 A 1 11 ? 5.70202  -2.16377  -8.93863  0.472 11.12149 ? 11  I77 A C12  1 
HETATM 178 C C12  B I77 A 1 11 ? 5.53955  -1.72241  -8.83416  0.528 6.17147  ? 11  I77 A C12  1 
HETATM 179 C C13  A I77 A 1 11 ? 4.66402  -2.98972  -8.19738  0.472 9.17440  ? 11  I77 A C13  1 
HETATM 180 C C13  B I77 A 1 11 ? 4.59564  -2.69504  -8.15392  0.528 6.68853  ? 11  I77 A C13  1 
HETATM 181 C C17  A I77 A 1 11 ? 6.81227  -2.78998  -9.48061  0.472 10.90667 ? 11  I77 A C17  1 
HETATM 182 C C17  B I77 A 1 11 ? 6.73041  -2.14475  -9.41114  0.528 6.43491  ? 11  I77 A C17  1 
HETATM 183 C C18  A I77 A 1 11 ? 7.72023  -2.01232  -10.15870 0.472 11.07065 ? 11  I77 A C18  1 
HETATM 184 C C18  B I77 A 1 11 ? 7.51384  -1.17656  -10.00355 0.528 6.09763  ? 11  I77 A C18  1 
HETATM 185 C C02  A I77 A 1 11 ? 11.13683 2.60871   -13.26257 0.472 21.58033 ? 11  I77 A C02  1 
HETATM 186 C C02  B I77 A 1 11 ? 10.24581 3.87294   -12.96731 0.528 6.97226  ? 11  I77 A C02  1 
HETATM 187 C C03  A I77 A 1 11 ? 10.13643 1.76897   -12.43857 0.472 20.14340 ? 11  I77 A C03  1 
HETATM 188 C C03  B I77 A 1 11 ? 9.36639  2.95314   -12.10542 0.528 5.53407  ? 11  I77 A C03  1 
HETATM 189 C C04  A I77 A 1 11 ? 8.99367  2.36465   -11.92274 0.472 18.94348 ? 11  I77 A C04  1 
HETATM 190 C C04  B I77 A 1 11 ? 8.13236  3.36729   -11.60880 0.528 6.75438  ? 11  I77 A C04  1 
HETATM 191 C C05  A I77 A 1 11 ? 8.13539  1.55697   -11.20064 0.472 17.32097 ? 11  I77 A C05  1 
HETATM 192 C C05  B I77 A 1 11 ? 7.37782  2.44517   -10.90439 0.528 7.26996  ? 11  I77 A C05  1 
HETATM 193 C C06  A I77 A 1 11 ? 10.38809 0.42264   -12.23777 0.472 19.94546 ? 11  I77 A C06  1 
HETATM 194 C C06  B I77 A 1 11 ? 9.78039  1.66648   -11.92062 0.528 4.41972  ? 11  I77 A C06  1 
HETATM 195 C C08  A I77 A 1 11 ? 8.45550  0.22266   -11.02130 0.472 15.41020 ? 11  I77 A C08  1 
HETATM 196 C C08  B I77 A 1 11 ? 7.90712  1.18338   -10.70606 0.528 6.17855  ? 11  I77 A C08  1 
HETATM 197 C C09  A I77 A 1 11 ? 7.48894  -0.64435  -10.25914 0.472 12.17817 ? 11  I77 A C09  1 
HETATM 198 C C09  B I77 A 1 11 ? 7.08278  0.13925   -10.00408 0.528 5.85383  ? 11  I77 A C09  1 
HETATM 199 N N01  A I77 A 1 11 ? 10.72926 3.95876   -13.67543 0.472 21.69885 ? 11  I77 A N01  1 
HETATM 200 N N01  B I77 A 1 11 ? 9.67695  5.14241   -13.33693 0.528 6.36337  ? 11  I77 A N01  1 
HETATM 201 N N07  A I77 A 1 11 ? 9.53964  -0.30914  -11.54295 0.472 18.71559 ? 11  I77 A N07  1 
HETATM 202 N N07  B I77 A 1 11 ? 9.04155  0.81761   -11.25680 0.528 5.64259  ? 11  I77 A N07  1 
HETATM 203 N N10  A I77 A 1 11 ? 6.41065  -0.08682  -9.74639  0.472 12.73804 ? 11  I77 A N10  1 
HETATM 204 N N10  B I77 A 1 11 ? 5.93845  0.49917   -9.48836  0.528 7.69839  ? 11  I77 A N10  1 
HETATM 205 N N14  A I77 A 1 11 ? 3.28873  -2.55884  -8.35133  0.472 8.69681  ? 11  I77 A N14  1 
HETATM 206 N N14  B I77 A 1 11 ? 3.20170  -2.36383  -8.36037  0.528 8.19806  ? 11  I77 A N14  1 
HETATM 207 N N15  A I77 A 1 11 ? 2.31622  -3.29635  -7.66502  0.472 10.01690 ? 11  I77 A N15  1 
HETATM 208 N N15  B I77 A 1 11 ? 2.24361  -3.18291  -7.75332  0.528 9.17332  ? 11  I77 A N15  1 
HETATM 209 O O16  A I77 A 1 11 ? 4.96709  -3.93094  -7.53128  0.472 10.37981 ? 11  I77 A O16  1 
HETATM 210 O O16  B I77 A 1 11 ? 4.95750  -3.62320  -7.50859  0.528 9.00125  ? 11  I77 A O16  1 
HETATM 211 O O19  A I77 A 1 11 ? 12.18503 2.12776   -13.56307 0.472 21.98752 ? 11  I77 A O19  1 
HETATM 212 O O19  B I77 A 1 11 ? 11.31201 3.51406   -13.40543 0.528 7.04073  ? 11  I77 A O19  1 
HETATM 213 H H111 A I77 A 1 11 ? 4.63321  -0.32820  -8.69543  0.472 14.17142 ? 11  I77 A H111 1 
HETATM 214 H H111 B I77 A 1 11 ? 4.23464  -0.07270  -8.47091  0.528 7.86616  ? 11  I77 A H111 1 
HETATM 215 H H171 A I77 A 1 11 ? 6.96104  -3.86439  -9.37286  0.472 13.08875 ? 11  I77 A H171 1 
HETATM 216 H H171 B I77 A 1 11 ? 7.03161  -3.19221  -9.39639  0.528 7.72264  ? 11  I77 A H171 1 
HETATM 217 H H181 A I77 A 1 11 ? 8.60436  -2.45873  -10.60903 0.472 13.28553 ? 11  I77 A H181 1 
HETATM 218 H H181 B I77 A 1 11 ? 8.46160  -1.44406  -10.46608 0.528 7.31790  ? 11  I77 A H181 1 
HETATM 219 H H041 A I77 A 1 11 ? 8.78573  3.40684   -12.07789 0.472 22.73292 ? 11  I77 A H041 1 
HETATM 220 H H041 B I77 A 1 11 ? 7.77837  4.36880   -11.76731 0.528 8.10600  ? 11  I77 A H041 1 
HETATM 221 H H051 A I77 A 1 11 ? 7.22366  1.96313   -10.78034 0.472 20.78591 ? 11  I77 A H051 1 
HETATM 222 H H051 B I77 A 1 11 ? 6.39956  2.70477   -10.51905 0.528 8.72470  ? 11  I77 A H051 1 
HETATM 223 H H061 A I77 A 1 11 ? 11.27966 -0.02838  -12.65038 0.472 23.93530 ? 11  I77 A H061 1 
HETATM 224 H H061 B I77 A 1 11 ? 10.72925 1.34602   -12.32747 0.528 5.30441  ? 11  I77 A H061 1 
HETATM 225 H H011 A I77 A 1 11 ? 9.82967  4.31141   -13.40948 0.472 26.03937 ? 11  I77 A H011 1 
HETATM 226 H H011 B I77 A 1 11 ? 8.78964  5.40447   -13.00683 0.528 7.63679  ? 11  I77 A H011 1 
HETATM 227 H H012 A I77 A 1 11 ? 11.34183 4.54010   -14.22201 0.472 26.03937 ? 11  I77 A H012 1 
HETATM 228 H H012 B I77 A 1 11 ? 10.21448 5.75963   -13.92544 0.528 7.63679  ? 11  I77 A H012 1 
HETATM 229 H H141 A I77 A 1 11 ? 3.04445  -1.76826  -8.92348  0.472 10.43692 ? 11  I77 A H141 1 
HETATM 230 H H141 B I77 A 1 11 ? 2.93129  -1.57303  -8.92031  0.528 9.83842  ? 11  I77 A H141 1 
HETATM 231 H H1   A I77 A 1 11 ? 1.47339  -2.74421  -7.60604  0.472 12.02102 ? 11  I77 A H1   1 
HETATM 232 H H1   B I77 A 1 11 ? 1.37449  -3.12021  -8.25245  0.528 11.00873 ? 11  I77 A H1   1 
HETATM 233 C C05  . I6W B 1 1  ? 8.51622  -3.02799  -2.25632  1.000 8.12705  ? 1   I6W B C05  1 
HETATM 234 C C08  . I6W B 1 1  ? 9.30431  -4.09136  -2.52023  1.000 8.48258  ? 1   I6W B C08  1 
HETATM 235 C C09  . I6W B 1 1  ? 10.46368 -3.80690  -3.43981  1.000 10.53858 ? 1   I6W B C09  1 
HETATM 236 N N10  . I6W B 1 1  ? 10.66685 -2.57299  -3.87510  1.000 12.89651 ? 1   I6W B N10  1 
HETATM 237 C C02  . I6W B 1 1  ? 6.17104  -4.52702  0.27894   1.000 8.65774  ? 1   I6W B C02  1 
HETATM 238 C C03  . I6W B 1 1  ? 7.32079  -4.38995  -0.70876  1.000 7.68438  ? 1   I6W B C03  1 
HETATM 239 C C04  . I6W B 1 1  ? 7.48512  -3.17391  -1.33640  1.000 8.81116  ? 1   I6W B C04  1 
HETATM 240 C C06  . I6W B 1 1  ? 8.17433  -5.43976  -0.98962  1.000 8.27270  ? 1   I6W B C06  1 
HETATM 241 C C11  . I6W B 1 1  ? 11.71755 -2.23070  -4.59723  1.000 13.72532 ? 1   I6W B C11  1 
HETATM 242 C C12  . I6W B 1 1  ? 12.64901 -3.20157  -4.88596  1.000 15.54156 ? 1   I6W B C12  1 
HETATM 243 C C13  . I6W B 1 1  ? 13.91345 -2.86924  -5.72792  1.000 18.65361 ? 1   I6W B C13  1 
HETATM 244 C C15  . I6W B 1 1  ? 16.16334 -3.49167  -6.04906  1.000 24.43918 ? 1   I6W B C15  1 
HETATM 245 C C16  . I6W B 1 1  ? 17.07623 -4.73002  -5.83993  1.000 25.15664 ? 1   I6W B C16  1 
HETATM 246 C C18  . I6W B 1 1  ? 12.48166 -4.48118  -4.40943  1.000 14.93129 ? 1   I6W B C18  1 
HETATM 247 C C19  . I6W B 1 1  ? 11.36794 -4.79749  -3.64446  1.000 11.50820 ? 1   I6W B C19  1 
HETATM 248 N N07  . I6W B 1 1  ? 9.14209  -5.27030  -1.89615  1.000 9.96875  ? 1   I6W B N07  1 
HETATM 249 O O01  . I6W B 1 1  ? 5.47331  -3.58619  0.58781   1.000 8.78665  ? 1   I6W B O01  1 
HETATM 250 O O14  . I6W B 1 1  ? 14.80035 -3.93465  -5.97481  1.000 21.47268 ? 1   I6W B O14  1 
HETATM 251 O O17  . I6W B 1 1  ? 14.15764 -1.77509  -6.08906  1.000 20.13946 ? 1   I6W B O17  1 
HETATM 252 H H051 . I6W B 1 1  ? 8.68212  -2.09298  -2.74506  1.000 9.75321  ? 1   I6W B H051 1 
HETATM 253 H H041 . I6W B 1 1  ? 6.79901  -2.31852  -1.10840  1.000 10.57414 ? 1   I6W B H041 1 
HETATM 254 H H061 . I6W B 1 1  ? 8.05986  -6.39159  -0.47941  1.000 9.92799  ? 1   I6W B H061 1 
HETATM 255 H H111 . I6W B 1 1  ? 11.84091 -1.23213  -4.94633  1.000 16.47113 ? 1   I6W B H111 1 
HETATM 256 H H152 . I6W B 1 1  ? 16.35519 -3.05346  -7.02068  1.000 29.32776 ? 1   I6W B H152 1 
HETATM 257 H H151 . I6W B 1 1  ? 16.35461 -2.75905  -5.27474  1.000 29.32776 ? 1   I6W B H151 1 
HETATM 258 H H162 . I6W B 1 1  ? 17.04531 -5.36693  -6.74360  1.000 30.18871 ? 1   I6W B H162 1 
HETATM 259 H H163 . I6W B 1 1  ? 16.71785 -5.30849  -4.96805  1.000 30.18871 ? 1   I6W B H163 1 
HETATM 260 H H161 . I6W B 1 1  ? 18.11482 -4.39540  -5.65941  1.000 30.18871 ? 1   I6W B H161 1 
HETATM 261 H H181 . I6W B 1 1  ? 13.22373 -5.24786  -4.63228  1.000 17.91830 ? 1   I6W B H181 1 
HETATM 262 H H191 . I6W B 1 1  ? 11.22661 -5.79286  -3.22849  1.000 13.81059 ? 1   I6W B H191 1 
ATOM   263 N N    . LEU B 1 2  ? 6.32350  -5.53134  1.28886   1.000 7.92825  ? 2   LEU B N    1 
ATOM   264 C CA   . LEU B 1 2  ? 5.20487  -5.71630  2.22496   1.000 8.25208  ? 2   LEU B CA   1 
ATOM   265 C C    . LEU B 1 2  ? 5.25300  -4.72868  3.40012   1.000 8.35690  ? 2   LEU B C    1 
ATOM   266 O O    . LEU B 1 2  ? 4.22281  -4.25185  3.85996   1.000 8.33514  ? 2   LEU B O    1 
ATOM   267 C CB   . LEU B 1 2  ? 5.21424  -7.15143  2.74520   1.000 8.30870  ? 2   LEU B CB   1 
ATOM   268 C CG   . LEU B 1 2  ? 4.67081  -8.15700  1.74231   1.000 8.48981  ? 2   LEU B CG   1 
ATOM   269 C CD1  . LEU B 1 2  ? 5.13008  -9.52313  2.12103   1.000 8.53972  ? 2   LEU B CD1  1 
ATOM   270 C CD2  . LEU B 1 2  ? 3.15982  -8.13723  1.67170   1.000 9.29340  ? 2   LEU B CD2  1 
ATOM   271 H H    . LEU B 1 2  ? 6.98731  -6.06231  1.41980   1.000 9.51465  ? 2   LEU B H    1 
ATOM   272 H HA   . LEU B 1 2  ? 4.37282  -5.54841  1.75549   1.000 9.90324  ? 2   LEU B HA   1 
ATOM   273 H HB2  . LEU B 1 2  ? 6.12736  -7.40240  2.95528   1.000 9.97119  ? 2   LEU B HB2  1 
ATOM   274 H HB3  . LEU B 1 2  ? 4.66515  -7.19875  3.54342   1.000 9.97119  ? 2   LEU B HB3  1 
ATOM   275 H HG   . LEU B 1 2  ? 5.00279  -7.91966  0.86233   1.000 10.18852 ? 2   LEU B HG   1 
ATOM   276 H HD11 . LEU B 1 2  ? 4.67811  -10.17449 1.56214   1.000 10.24841 ? 2   LEU B HD11 1 
ATOM   277 H HD12 . LEU B 1 2  ? 6.08912  -9.58203  1.98818   1.000 10.24841 ? 2   LEU B HD12 1 
ATOM   278 H HD13 . LEU B 1 2  ? 4.91498  -9.68141  3.05354   1.000 10.24841 ? 2   LEU B HD13 1 
ATOM   279 H HD21 . LEU B 1 2  ? 2.86444  -8.80991  1.03833   1.000 11.15283 ? 2   LEU B HD21 1 
ATOM   280 H HD22 . LEU B 1 2  ? 2.80001  -8.33062  2.55149   1.000 11.15283 ? 2   LEU B HD22 1 
ATOM   281 H HD23 . LEU B 1 2  ? 2.86873  -7.25877  1.38105   1.000 11.15283 ? 2   LEU B HD23 1 
HETATM 282 N N    . AIB B 1 3  ? 6.45131  -4.43047  3.90214   1.000 8.85232  ? 3   AIB B N    1 
HETATM 283 C CA   . AIB B 1 3  ? 6.61058  -3.48974  5.01293   1.000 8.54243  ? 3   AIB B CA   1 
HETATM 284 C C    . AIB B 1 3  ? 5.87648  -2.17171  4.74635   1.000 8.19177  ? 3   AIB B C    1 
HETATM 285 O O    . AIB B 1 3  ? 5.06518  -1.67805  5.52358   1.000 8.14527  ? 3   AIB B O    1 
HETATM 286 C CB1  . AIB B 1 3  ? 6.01994  -4.05764  6.32076   1.000 9.51001  ? 3   AIB B CB1  1 
HETATM 287 C CB2  . AIB B 1 3  ? 8.09170  -3.11542  5.25399   1.000 10.10883 ? 3   AIB B CB2  1 
HETATM 288 H H    . AIB B 1 3  ? 7.25425  -5.02435  3.83442   1.000 10.62353 ? 3   AIB B H    1 
HETATM 289 H HB11 . AIB B 1 3  ? 6.20684  -3.34481  7.15885   1.000 11.41276 ? 3   AIB B HB11 1 
HETATM 290 H HB12 . AIB B 1 3  ? 4.92020  -4.20687  6.20344   1.000 11.41276 ? 3   AIB B HB12 1 
HETATM 291 H HB13 . AIB B 1 3  ? 6.50064  -5.03675  6.55684   1.000 11.41276 ? 3   AIB B HB13 1 
HETATM 292 H HB21 . AIB B 1 3  ? 8.15785  -2.44272  6.14327   1.000 12.13134 ? 3   AIB B HB21 1 
HETATM 293 H HB22 . AIB B 1 3  ? 8.67821  -4.04793  5.43868   1.000 12.13134 ? 3   AIB B HB22 1 
HETATM 294 H HB23 . AIB B 1 3  ? 8.48702  -2.59073  4.35059   1.000 12.13134 ? 3   AIB B HB23 1 
ATOM   295 N N    . ALA B 1 4  ? 6.13828  -1.62590  3.55526   1.000 8.35107  ? 4   ALA B N    1 
ATOM   296 C CA   . ALA B 1 4  ? 5.57354  -0.32522  3.16114   1.000 9.21938  ? 4   ALA B CA   1 
ATOM   297 C C    . ALA B 1 4  ? 4.08862  -0.43446  2.88079   1.000 7.94321  ? 4   ALA B C    1 
ATOM   298 O O    . ALA B 1 4  ? 3.33513  0.47777   3.18277   1.000 8.75082  ? 4   ALA B O    1 
ATOM   299 C CB   . ALA B 1 4  ? 6.26209  0.26615   1.95173   1.000 11.98279 ? 4   ALA B CB   1 
ATOM   300 H H    . ALA B 1 4  ? 6.63916  -1.98630  2.95624   1.000 10.02203 ? 4   ALA B H    1 
ATOM   301 H HA   . ALA B 1 4  ? 5.72119  0.27957   3.90500   1.000 11.06400 ? 4   ALA B HA   1 
ATOM   302 H HB1  . ALA B 1 4  ? 5.73758  1.01319   1.62353   1.000 14.38009 ? 4   ALA B HB1  1 
ATOM   303 H HB2  . ALA B 1 4  ? 7.14635  0.57063   2.20920   1.000 14.38009 ? 4   ALA B HB2  1 
ATOM   304 H HB3  . ALA B 1 4  ? 6.33378  -0.41485  1.26470   1.000 14.38009 ? 4   ALA B HB3  1 
HETATM 305 N N    . AIB B 1 5  ? 3.65077  -1.53419  2.26076   1.000 8.47899  ? 5   AIB B N    1 
HETATM 306 C CA   . AIB B 1 5  ? 2.23921  -1.75541  2.02232   1.000 9.31372  ? 5   AIB B CA   1 
HETATM 307 C C    . AIB B 1 5  ? 1.45265  -1.56031  3.33278   1.000 8.11095  ? 5   AIB B C    1 
HETATM 308 O O    . AIB B 1 5  ? 0.41110  -0.88069  3.38949   1.000 8.34447  ? 5   AIB B O    1 
HETATM 309 C CB1  . AIB B 1 5  ? 1.65970  -0.78538  0.96587   1.000 9.78158  ? 5   AIB B CB1  1 
HETATM 310 C CB2  . AIB B 1 5  ? 2.03254  -3.20544  1.56574   1.000 9.32855  ? 5   AIB B CB2  1 
HETATM 311 H H    . AIB B 1 5  ? 4.20210  -2.08852  1.63567   1.000 10.17554 ? 5   AIB B H    1 
HETATM 312 H HB11 . AIB B 1 5  ? 0.58315  -1.02060  0.78932   1.000 11.73865 ? 5   AIB B HB11 1 
HETATM 313 H HB12 . AIB B 1 5  ? 1.75147  0.26570   1.32954   1.000 11.73865 ? 5   AIB B HB12 1 
HETATM 314 H HB13 . AIB B 1 5  ? 2.22146  -0.89318  0.00762   1.000 11.73865 ? 5   AIB B HB13 1 
HETATM 315 H HB21 . AIB B 1 5  ? 0.93886  -3.39729  1.44438   1.000 11.19500 ? 5   AIB B HB21 1 
HETATM 316 H HB22 . AIB B 1 5  ? 2.55558  -3.35892  0.59077   1.000 11.19500 ? 5   AIB B HB22 1 
HETATM 317 H HB23 . AIB B 1 5  ? 2.45580  -3.89436  2.33641   1.000 11.19500 ? 5   AIB B HB23 1 
ATOM   318 N N    . ALA B 1 6  ? 1.98108  -2.17367  4.39991   1.000 8.75597  ? 6   ALA B N    1 
ATOM   319 C CA   . ALA B 1 6  ? 1.34068  -2.08921  5.71294   1.000 8.78352  ? 6   ALA B CA   1 
ATOM   320 C C    . ALA B 1 6  ? 1.46779  -0.70567  6.31998   1.000 8.30032  ? 6   ALA B C    1 
ATOM   321 O O    . ALA B 1 6  ? 0.45993  -0.08983  6.71381   1.000 9.70429  ? 6   ALA B O    1 
ATOM   322 C CB   . ALA B 1 6  ? 1.90035  -3.15567  6.65168   1.000 10.12393 ? 6   ALA B CB   1 
ATOM   323 H H    . ALA B 1 6  ? 2.70355  -2.64000  4.38644   1.000 10.50791 ? 6   ALA B H    1 
ATOM   324 H HA   . ALA B 1 6  ? 0.39252  -2.26079  5.60134   1.000 10.54098 ? 6   ALA B HA   1 
ATOM   325 H HB1  . ALA B 1 6  ? 1.73417  -4.03154  6.26943   1.000 12.14946 ? 6   ALA B HB1  1 
ATOM   326 H HB2  . ALA B 1 6  ? 2.85458  -3.01570  6.75549   1.000 12.14946 ? 6   ALA B HB2  1 
ATOM   327 H HB3  . ALA B 1 6  ? 1.45956  -3.08141  7.51255   1.000 12.14946 ? 6   ALA B HB3  1 
HETATM 328 N N    . AIB B 1 7  ? 2.67966  -0.18433  6.36262   1.000 8.92998  ? 7   AIB B N    1 
HETATM 329 C CA   . AIB B 1 7  ? 2.91763  1.10506   6.95921   1.000 9.74149  ? 7   AIB B CA   1 
HETATM 330 C C    . AIB B 1 7  ? 2.04146  2.18699   6.30572   1.000 8.30366  ? 7   AIB B C    1 
HETATM 331 O O    . AIB B 1 7  ? 1.43308  3.03675   6.95559   1.000 10.13245 ? 7   AIB B O    1 
HETATM 332 C CB1  . AIB B 1 7  ? 2.61479  1.08027   8.47715   1.000 9.50327  ? 7   AIB B CB1  1 
HETATM 333 C CB2  . AIB B 1 7  ? 4.38705  1.51799   6.77191   1.000 10.76454 ? 7   AIB B CB2  1 
HETATM 334 H H    . AIB B 1 7  ? 3.52692  -0.71604  6.32467   1.000 10.71672 ? 7   AIB B H    1 
HETATM 335 H HB11 . AIB B 1 7  ? 2.90619  2.05539   8.93506   1.000 11.40468 ? 7   AIB B HB11 1 
HETATM 336 H HB12 . AIB B 1 7  ? 1.52424  0.90870   8.64062   1.000 11.40468 ? 7   AIB B HB12 1 
HETATM 337 H HB13 . AIB B 1 7  ? 3.19304  0.25864   8.96295   1.000 11.40468 ? 7   AIB B HB13 1 
HETATM 338 H HB21 . AIB B 1 7  ? 4.53912  2.53407   7.21027   1.000 12.91819 ? 7   AIB B HB21 1 
HETATM 339 H HB22 . AIB B 1 7  ? 5.04294  0.77809   7.29157   1.000 12.91819 ? 7   AIB B HB22 1 
HETATM 340 H HB23 . AIB B 1 7  ? 4.62473  1.53566   5.68063   1.000 12.91819 ? 7   AIB B HB23 1 
ATOM   341 N N    . GLN B 1 8  ? 2.00550  2.17944   4.97730   1.000 8.25835  ? 8   GLN B N    1 
ATOM   342 C CA   . GLN B 1 8  ? 1.30990  3.20499   4.21765   1.000 9.04630  ? 8   GLN B CA   1 
ATOM   343 C C    . GLN B 1 8  ? -0.19647 3.02048   4.22742   1.000 7.10992  ? 8   GLN B C    1 
ATOM   344 O O    . GLN B 1 8  ? -0.93791 3.98602   4.14731   1.000 7.69259  ? 8   GLN B O    1 
ATOM   345 C CB   . GLN B 1 8  ? 1.81164  3.31986   2.77552   1.000 11.24445 ? 8   GLN B CB   1 
ATOM   346 C CG   . GLN B 1 8  ? 3.27225  3.71864   2.66510   1.000 14.23179 ? 8   GLN B CG   1 
ATOM   347 C CD   . GLN B 1 8  ? 3.47336  5.18956   3.01270   1.000 20.96441 ? 8   GLN B CD   1 
ATOM   348 O OE1  . GLN B 1 8  ? 2.66988  6.05047   2.65453   1.000 21.15642 ? 8   GLN B OE1  1 
ATOM   349 N NE2  . GLN B 1 8  ? 4.55354  5.47746   3.72231   1.000 25.16215 ? 8   GLN B NE2  1 
ATOM   350 H H    . GLN B 1 8  ? 2.38245  1.58134   4.48762   1.000 9.91077  ? 8   GLN B H    1 
ATOM   351 H HA   . GLN B 1 8  ? 1.50913  4.04653   4.65699   1.000 10.85630 ? 8   GLN B HA   1 
ATOM   352 H HB2  . GLN B 1 8  ? 1.70581  2.45997   2.33931   1.000 13.49409 ? 8   GLN B HB2  1 
ATOM   353 H HB3  . GLN B 1 8  ? 1.28560  3.99238   2.31517   1.000 13.49409 ? 8   GLN B HB3  1 
ATOM   354 H HG2  . GLN B 1 8  ? 3.79886  3.18420   3.27987   1.000 17.07889 ? 8   GLN B HG2  1 
ATOM   355 H HG3  . GLN B 1 8  ? 3.57700  3.57476   1.75553   1.000 17.07889 ? 8   GLN B HG3  1 
ATOM   356 H HE21 . GLN B 1 8  ? 5.09228  4.85031   3.95905   1.000 30.19533 ? 8   GLN B HE21 1 
ATOM   357 H HE22 . GLN B 1 8  ? 4.71638  6.29162   3.94647   1.000 30.19533 ? 8   GLN B HE22 1 
HETATM 358 N N    . AIB B 1 9  ? -0.66380 1.78159   4.32956   1.000 6.71337  ? 9   AIB B N    1 
HETATM 359 C CA   . AIB B 1 9  ? -2.09043 1.51131   4.47844   1.000 7.37253  ? 9   AIB B CA   1 
HETATM 360 C C    . AIB B 1 9  ? -2.66551 2.43071   5.58191   1.000 6.75077  ? 9   AIB B C    1 
HETATM 361 O O    . AIB B 1 9  ? -3.70211 3.09730   5.47102   1.000 7.12958  ? 9   AIB B O    1 
HETATM 362 C CB1  . AIB B 1 9  ? -2.85605 1.80915   3.16611   1.000 7.47894  ? 9   AIB B CB1  1 
HETATM 363 C CB2  . AIB B 1 9  ? -2.36487 0.05109   4.89837   1.000 6.75607  ? 9   AIB B CB2  1 
HETATM 364 H H    . AIB B 1 9  ? -0.19038 0.96956   3.98532   1.000 8.05679  ? 9   AIB B H    1 
HETATM 365 H HB11 . AIB B 1 9  ? -3.93807 1.57037   3.29914   1.000 8.97547  ? 9   AIB B HB11 1 
HETATM 366 H HB12 . AIB B 1 9  ? -2.74734 2.88836   2.90357   1.000 8.97547  ? 9   AIB B HB12 1 
HETATM 367 H HB13 . AIB B 1 9  ? -2.44112 1.18591   2.33855   1.000 8.97547  ? 9   AIB B HB13 1 
HETATM 368 H HB21 . AIB B 1 9  ? -3.46824 -0.10540  4.97423   1.000 8.10803  ? 9   AIB B HB21 1 
HETATM 369 H HB22 . AIB B 1 9  ? -1.93572 -0.63633  4.12963   1.000 8.10803  ? 9   AIB B HB22 1 
HETATM 370 H HB23 . AIB B 1 9  ? -1.88516 -0.13991  5.88886   1.000 8.10803  ? 9   AIB B HB23 1 
ATOM   371 N N    . LEU B 1 10 ? -1.93962 2.47205   6.70387   1.000 6.74239  ? 10  LEU B N    1 
ATOM   372 C CA   . LEU B 1 10 ? -2.29992 3.36940   7.79761   1.000 7.05351  ? 10  LEU B CA   1 
ATOM   373 C C    . LEU B 1 10 ? -1.84977 4.79707   7.51418   1.000 7.42566  ? 10  LEU B C    1 
ATOM   374 O O    . LEU B 1 10 ? -2.65765 5.70898   7.38788   1.000 9.27870  ? 10  LEU B O    1 
ATOM   375 C CB   . LEU B 1 10 ? -1.73191 2.86911   9.13017   1.000 7.80322  ? 10  LEU B CB   1 
ATOM   376 C CG   . LEU B 1 10 ? -2.13370 3.65495   10.38671  1.000 9.45481  ? 10  LEU B CG   1 
ATOM   377 C CD1  . LEU B 1 10 ? -3.65930 3.77481   10.50437  1.000 9.72441  ? 10  LEU B CD1  1 
ATOM   378 C CD2  . LEU B 1 10 ? -1.57043 3.03565   11.63727  1.000 9.64020  ? 10  LEU B CD2  1 
ATOM   379 H H    . LEU B 1 10 ? -1.24069 1.99316   6.85140   1.000 8.09161  ? 10  LEU B H    1 
ATOM   380 H HA   . LEU B 1 10 ? -3.26588 3.38177   7.88515   1.000 8.46496  ? 10  LEU B HA   1 
ATOM   381 H HB2  . LEU B 1 10 ? -2.02945 1.95488   9.25889   1.000 9.36461  ? 10  LEU B HB2  1 
ATOM   382 H HB3  . LEU B 1 10 ? -0.76400 2.89813   9.07362   1.000 9.36461  ? 10  LEU B HB3  1 
ATOM   383 H HG   . LEU B 1 10 ? -1.76112 4.54651   10.30178  1.000 11.34652 ? 10  LEU B HG   1 
ATOM   384 H HD11 . LEU B 1 10 ? -3.87996 4.16602   11.36412  1.000 11.67003 ? 10  LEU B HD11 1 
ATOM   385 H HD12 . LEU B 1 10 ? -3.98765 4.34164   9.78898   1.000 11.67003 ? 10  LEU B HD12 1 
ATOM   386 H HD13 . LEU B 1 10 ? -4.05200 2.89076   10.43265  1.000 11.67003 ? 10  LEU B HD13 1 
ATOM   387 H HD21 . LEU B 1 10 ? -1.84713 3.56287   12.40302  1.000 11.56899 ? 10  LEU B HD21 1 
ATOM   388 H HD22 . LEU B 1 10 ? -1.90710 2.12975   11.72033  1.000 11.56899 ? 10  LEU B HD22 1 
ATOM   389 H HD23 . LEU B 1 10 ? -0.60244 3.02445   11.57576  1.000 11.56899 ? 10  LEU B HD23 1 
HETATM 390 C C11  A I77 B 1 11 ? 1.66592  8.75021   6.52710   0.830 8.66035  ? 11  I77 B C11  1 
HETATM 391 C C11  B I77 B 1 11 ? 0.34173  9.08573   6.94309   0.170 5.99812  ? 11  I77 B C11  1 
HETATM 392 C C12  A I77 B 1 11 ? 0.53963  8.59259   7.32315   0.830 7.77977  ? 11  I77 B C12  1 
HETATM 393 C C12  B I77 B 1 11 ? 1.27412  8.07416   6.76281   0.170 6.12672  ? 11  I77 B C12  1 
HETATM 394 C C13  A I77 B 1 11 ? 0.08565  7.26710   7.87768   0.830 7.01585  ? 11  I77 B C13  1 
HETATM 395 C C13  B I77 B 1 11 ? 0.98109  6.64538   7.20563   0.170 7.65072  ? 11  I77 B C13  1 
HETATM 396 C C17  A I77 B 1 11 ? -0.27242 9.66131   7.59715   0.830 7.13776  ? 11  I77 B C17  1 
HETATM 397 C C17  B I77 B 1 11 ? 2.50266  8.35783   6.17999   0.170 5.91040  ? 11  I77 B C17  1 
HETATM 398 C C18  A I77 B 1 11 ? 0.10708  10.88326  7.09776   0.830 7.24734  ? 11  I77 B C18  1 
HETATM 399 C C18  B I77 B 1 11 ? 2.74652  9.65274   5.78067   0.170 5.88850  ? 11  I77 B C18  1 
HETATM 400 C C02  A I77 B 1 11 ? 2.50797  16.26303  4.45157   0.830 7.82906  ? 11  I77 B C02  1 
HETATM 401 C C02  B I77 B 1 11 ? 2.76138  16.01446  4.24536   0.170 6.83934  ? 11  I77 B C02  1 
HETATM 402 C C03  A I77 B 1 11 ? 2.22384  14.84131  4.94594   0.830 7.79624  ? 11  I77 B C03  1 
HETATM 403 C C03  B I77 B 1 11 ? 2.47517  14.57505  4.72342   0.170 7.04339  ? 11  I77 B C03  1 
HETATM 404 C C04  A I77 B 1 11 ? 3.05780  13.78295  4.58774   0.830 7.54565  ? 11  I77 B C04  1 
HETATM 405 C C04  B I77 B 1 11 ? 1.20835  14.26032  5.18840   0.170 7.13963  ? 11  I77 B C04  1 
HETATM 406 C C05  A I77 B 1 11 ? 2.74696  12.52470  5.03158   0.830 7.53195  ? 11  I77 B C05  1 
HETATM 407 C C05  B I77 B 1 11 ? 0.99427  12.96061  5.60930   0.170 7.24686  ? 11  I77 B C05  1 
HETATM 408 C C06  A I77 B 1 11 ? 1.12221  14.62198  5.73254   0.830 7.89877  ? 11  I77 B C06  1 
HETATM 409 C C06  B I77 B 1 11 ? 3.46889  13.60632  4.69172   0.170 6.44637  ? 11  I77 B C06  1 
HETATM 410 C C08  A I77 B 1 11 ? 1.62298  12.36754  5.81308   0.830 7.31280  ? 11  I77 B C08  1 
HETATM 411 C C08  B I77 B 1 11 ? 2.02558  12.04032  5.55709   0.170 6.85398  ? 11  I77 B C08  1 
HETATM 412 C C09  A I77 B 1 11 ? 1.25230  11.00000  6.32650   0.830 8.07535  ? 11  I77 B C09  1 
HETATM 413 C C09  B I77 B 1 11 ? 1.77299  10.61791  5.99900   0.170 6.03976  ? 11  I77 B C09  1 
HETATM 414 N N01  A I77 B 1 11 ? 3.86910  16.54700  4.08863   0.830 8.03185  ? 11  I77 B N01  1 
HETATM 415 N N01  B I77 B 1 11 ? 4.11653  16.38785  3.87840   0.170 6.96836  ? 11  I77 B N01  1 
HETATM 416 N N07  A I77 B 1 11 ? 0.85070  13.39285  6.13117   0.830 7.91773  ? 11  I77 B N07  1 
HETATM 417 N N07  B I77 B 1 11 ? 3.21288  12.38075  5.10438   0.170 7.24500  ? 11  I77 B N07  1 
HETATM 418 N N10  A I77 B 1 11 ? 1.99766  9.94644   6.06109   0.830 8.81439  ? 11  I77 B N10  1 
HETATM 419 N N10  B I77 B 1 11 ? 0.61572  10.31522  6.56034   0.170 5.99327  ? 11  I77 B N10  1 
HETATM 420 N N14  A I77 B 1 11 ? 0.00223  6.21212   6.92317   0.830 6.23810  ? 11  I77 B N14  1 
HETATM 421 N N14  B I77 B 1 11 ? -0.34408 6.31171   7.72505   0.170 8.73246  ? 11  I77 B N14  1 
HETATM 422 N N15  A I77 B 1 11 ? -0.44273 4.95353   7.33692   0.830 6.62706  ? 11  I77 B N15  1 
HETATM 423 N N15  B I77 B 1 11 ? -0.57259 4.97660   8.12536   0.170 8.19376  ? 11  I77 B N15  1 
HETATM 424 O O16  A I77 B 1 11 ? -0.19583 7.08177   9.01828   0.830 7.72353  ? 11  I77 B O16  1 
HETATM 425 O O16  B I77 B 1 11 ? 1.81654  5.80806   7.11962   0.170 9.06621  ? 11  I77 B O16  1 
HETATM 426 O O19  A I77 B 1 11 ? 1.65038  17.06533  4.29846   0.830 8.69568  ? 11  I77 B O19  1 
HETATM 427 O O19  B I77 B 1 11 ? 1.88074  16.79603  4.16209   0.170 7.23218  ? 11  I77 B O19  1 
HETATM 428 H H111 A I77 B 1 11 ? 2.27572  7.89336   6.28584   0.830 10.39317 ? 11  I77 B H111 1 
HETATM 429 H H111 B I77 B 1 11 ? -0.61103 8.86409   7.39846   0.170 7.19849  ? 11  I77 B H111 1 
HETATM 430 H H171 A I77 B 1 11 ? -1.18187 9.54672   8.18693   0.830 8.56607  ? 11  I77 B H171 1 
HETATM 431 H H171 B I77 B 1 11 ? 3.25181  7.57805   6.04280   0.170 7.09323  ? 11  I77 B H171 1 
HETATM 432 H H181 A I77 B 1 11 ? -0.49491 11.76460  7.30891   0.830 8.69756  ? 11  I77 B H181 1 
HETATM 433 H H181 B I77 B 1 11 ? 3.68736  9.91546   5.30155   0.170 7.06695  ? 11  I77 B H181 1 
HETATM 434 H H041 A I77 B 1 11 ? 3.92520  13.95058  3.97700   0.830 9.05553  ? 11  I77 B H041 1 
HETATM 435 H H041 B I77 B 1 11 ? 0.42565  14.99504  5.22050   0.170 8.56830  ? 11  I77 B H041 1 
HETATM 436 H H051 A I77 B 1 11 ? 3.36829  11.67558  4.77503   0.830 9.03909  ? 11  I77 B H051 1 
HETATM 437 H H051 B I77 B 1 11 ? 0.02074  12.66357  5.97927   0.170 8.69698  ? 11  I77 B H051 1 
HETATM 438 H H061 A I77 B 1 11 ? 0.48415  15.44497  6.02259   0.830 9.47927  ? 11  I77 B H061 1 
HETATM 439 H H061 B I77 B 1 11 ? 4.45525  13.85757  4.32769   0.170 7.73640  ? 11  I77 B H061 1 
HETATM 440 H H011 A I77 B 1 11 ? 4.58086  15.85715  4.20532   0.830 9.63897  ? 11  I77 B H011 1 
HETATM 441 H H011 B I77 B 1 11 ? 4.85595  15.72118  3.93893   0.170 8.36278  ? 11  I77 B H011 1 
HETATM 442 H H012 A I77 B 1 11 ? 4.10325  17.46274  3.74011   0.830 9.63897  ? 11  I77 B H012 1 
HETATM 443 H H141 A I77 B 1 11 ? 0.26023  6.37106   5.96390   0.830 7.48647  ? 11  I77 B H141 1 
HETATM 444 H H141 B I77 B 1 11 ? -1.06717 7.00763   7.79493   0.170 10.47970 ? 11  I77 B H141 1 
HETATM 445 H H1   A I77 B 1 11 ? -0.47479 4.36416   6.52586   0.830 7.95322  ? 11  I77 B H1   1 
HETATM 446 H H1   B I77 B 1 11 ? 0.25500  4.62844   8.58797   0.170 9.83325  ? 11  I77 B H1   1 
HETATM 447 N N    A CCN C 2 .  ? -4.77887 6.00343   -7.55890  0.641 13.46139 ? 101 CCN A N    1 
HETATM 448 N N    B CCN C 2 .  ? -2.18087 3.31688   -9.44363  0.359 11.06457 ? 101 CCN A N    1 
HETATM 449 C C1   A CCN C 2 .  ? -5.15204 5.00486   -7.98811  0.641 12.77056 ? 101 CCN A C1   1 
HETATM 450 C C1   B CCN C 2 .  ? -1.30148 3.44204   -8.70959  0.359 10.58375 ? 101 CCN A C1   1 
HETATM 451 C C2   A CCN C 2 .  ? -5.58433 3.73729   -8.52389  0.641 10.01111 ? 101 CCN A C2   1 
HETATM 452 C C2   B CCN C 2 .  ? -0.20216 3.60417   -7.77957  0.359 11.01636 ? 101 CCN A C2   1 
HETATM 453 H H21  A CCN C 2 .  ? -5.11696 3.55070   -9.35314  0.641 12.01408 ? 101 CCN A H21  1 
HETATM 454 H H21  B CCN C 2 .  ? 0.01297  4.54483   -7.68070  0.359 13.22038 ? 101 CCN A H21  1 
HETATM 455 H H22  A CCN C 2 .  ? -5.39615 3.02752   -7.89008  0.641 12.01408 ? 101 CCN A H22  1 
HETATM 456 H H22  B CCN C 2 .  ? -0.44528 3.24416   -6.91228  0.359 13.22038 ? 101 CCN A H22  1 
HETATM 457 H H23  A CCN C 2 .  ? -6.53828 3.75862   -8.69830  0.641 12.01408 ? 101 CCN A H23  1 
HETATM 458 H H23  B CCN C 2 .  ? 0.58125  3.13494   -8.10664  0.359 13.22038 ? 101 CCN A H23  1 
HETATM 459 N N    A CCN D 2 .  ? -4.52611 10.56271  12.67777  0.399 9.34399  ? 101 CCN B N    1 
HETATM 460 N N    B CCN D 2 .  ? -2.44831 12.39451  8.04603   0.601 20.74744 ? 101 CCN B N    1 
HETATM 461 C C1   A CCN D 2 .  ? -3.98986 11.33888  13.34170  0.399 10.03676 ? 101 CCN B C1   1 
HETATM 462 C C1   B CCN D 2 .  ? -2.97894 12.05168  9.00593   0.601 20.25591 ? 101 CCN B C1   1 
HETATM 463 C C2   A CCN D 2 .  ? -3.31502 12.30737  14.18331  0.399 9.92039  ? 101 CCN B C2   1 
HETATM 464 C C2   B CCN D 2 .  ? -3.61448 11.63206  10.23674  0.601 18.51620 ? 101 CCN B C2   1 
HETATM 465 H H21  A CCN D 2 .  ? -3.91863 12.62582  14.87260  0.399 11.90522 ? 101 CCN B H21  1 
HETATM 466 H H21  B CCN D 2 .  ? -4.40464 11.10517  10.03941  0.601 22.22019 ? 101 CCN B H21  1 
HETATM 467 H H22  A CCN D 2 .  ? -2.54275 11.89941  14.60528  0.399 11.90522 ? 101 CCN B H22  1 
HETATM 468 H H22  B CCN D 2 .  ? -3.00045 11.09422  10.76075  0.601 22.22019 ? 101 CCN B H22  1 
HETATM 469 H H23  A CCN D 2 .  ? -3.02015 13.06211  13.65008  0.399 11.90522 ? 101 CCN B H23  1 
HETATM 470 H H23  B CCN D 2 .  ? -3.87560 12.40810  10.75681  0.601 22.22019 ? 101 CCN B H23  1 
HETATM 471 O O    . HOH E 3 .  ? 4.50062  -2.94845  -3.58383  1.000 11.71417 ? 201 HOH A O    1 
HETATM 472 O O    A HOH E 3 .  ? 3.99097  2.99258   -9.04699  0.447 20.60249 ? 202 HOH A O    1 
HETATM 473 O O    B HOH E 3 .  ? 2.42310  1.71389   -10.38866 0.553 21.54164 ? 202 HOH A O    1 
HETATM 474 O O    . HOH E 3 .  ? -0.94958 7.69592   -11.43848 1.000 44.05962 ? 203 HOH A O    1 
HETATM 475 O O    . HOH F 3 .  ? 4.22652  -1.79621  -1.23153  1.000 13.61980 ? 201 HOH B O    1 
HETATM 476 O O    . HOH F 3 .  ? -1.29147 15.39145  8.69773   0.50  39.20612 ? 202 HOH B O    1 
HETATM 477 O O    . HOH F 3 .  ? 7.24128  3.58307   0.29954   1.000 37.18178 ? 203 HOH B O    1 
# 
loop_
_atom_site_anisotrop.id 
_atom_site_anisotrop.type_symbol 
_atom_site_anisotrop.pdbx_label_atom_id 
_atom_site_anisotrop.pdbx_label_alt_id 
_atom_site_anisotrop.pdbx_label_comp_id 
_atom_site_anisotrop.pdbx_label_asym_id 
_atom_site_anisotrop.pdbx_label_seq_id 
_atom_site_anisotrop.pdbx_PDB_ins_code 
_atom_site_anisotrop.U[1][1] 
_atom_site_anisotrop.U[2][2] 
_atom_site_anisotrop.U[3][3] 
_atom_site_anisotrop.U[1][2] 
_atom_site_anisotrop.U[1][3] 
_atom_site_anisotrop.U[2][3] 
_atom_site_anisotrop.pdbx_auth_seq_id 
_atom_site_anisotrop.pdbx_auth_comp_id 
_atom_site_anisotrop.pdbx_auth_asym_id 
_atom_site_anisotrop.pdbx_auth_atom_id 
1   C C05 . I6W A 1  ? 0.15180 0.11747 0.10701 -0.03858 -0.00285 0.01820  1   I6W A C05 
2   C C08 . I6W A 1  ? 0.15642 0.14290 0.09085 -0.05695 -0.01904 0.01436  1   I6W A C08 
3   C C09 . I6W A 1  ? 0.15733 0.14847 0.07198 -0.04810 -0.01261 0.00832  1   I6W A C09 
4   N N10 . I6W A 1  ? 0.15831 0.12709 0.09021 -0.03796 -0.01003 0.00707  1   I6W A N10 
5   C C02 . I6W A 1  ? 0.14966 0.14777 0.08598 -0.02282 0.02057  -0.00466 1   I6W A C02 
6   C C03 . I6W A 1  ? 0.16301 0.10071 0.08056 -0.02325 0.01459  -0.01124 1   I6W A C03 
7   C C04 . I6W A 1  ? 0.14006 0.12361 0.09109 -0.03383 0.00599  0.01011  1   I6W A C04 
8   C C06 . I6W A 1  ? 0.19953 0.10965 0.10849 -0.05394 0.01333  -0.00318 1   I6W A C06 
9   C C11 . I6W A 1  ? 0.17775 0.12792 0.08901 -0.05984 0.00256  -0.02203 1   I6W A C11 
10  C C12 . I6W A 1  ? 0.19729 0.12887 0.12155 -0.03985 0.00075  -0.00137 1   I6W A C12 
11  C C13 . I6W A 1  ? 0.21882 0.13715 0.12245 -0.03922 0.01933  -0.01038 1   I6W A C13 
12  C C15 . I6W A 1  ? 0.29452 0.13326 0.16501 -0.04653 0.03413  -0.02039 1   I6W A C15 
13  C C16 . I6W A 1  ? 0.30376 0.14691 0.14852 -0.05742 0.02208  -0.04186 1   I6W A C16 
14  C C18 . I6W A 1  ? 0.15282 0.09786 0.13733 -0.01835 -0.00234 -0.00717 1   I6W A C18 
15  C C19 . I6W A 1  ? 0.14217 0.09919 0.11603 -0.02820 -0.00336 -0.00867 1   I6W A C19 
16  N N07 . I6W A 1  ? 0.18765 0.13019 0.10881 -0.04027 -0.00183 0.01820  1   I6W A N07 
17  O O01 . I6W A 1  ? 0.12869 0.14222 0.09888 -0.00923 0.02121  -0.00905 1   I6W A O01 
18  O O14 . I6W A 1  ? 0.25921 0.14336 0.16246 -0.04078 0.02596  -0.00292 1   I6W A O14 
19  O O17 . I6W A 1  ? 0.23387 0.12619 0.17595 -0.01310 0.07152  0.00527  1   I6W A O17 
31  N N   . LEU A 2  ? 0.12469 0.13239 0.08444 0.00129  -0.00493 0.00276  2   LEU A N   
32  C CA  . LEU A 2  ? 0.12701 0.10783 0.08639 0.01394  0.02738  -0.00938 2   LEU A CA  
33  C C   . LEU A 2  ? 0.15290 0.11831 0.06751 -0.00687 -0.01338 -0.00218 2   LEU A C   
34  O O   . LEU A 2  ? 0.12640 0.12170 0.08336 -0.00275 -0.01788 0.01145  2   LEU A O   
35  C CB  . LEU A 2  ? 0.09201 0.12315 0.10200 0.01101  0.00802  0.00857  2   LEU A CB  
36  C CG  . LEU A 2  ? 0.11380 0.10688 0.10689 -0.01058 0.00708  0.00208  2   LEU A CG  
37  C CD1 . LEU A 2  ? 0.12713 0.09592 0.12464 -0.00715 -0.02773 0.02328  2   LEU A CD1 
38  C CD2 . LEU A 2  ? 0.10720 0.11225 0.11139 -0.02419 -0.00613 0.01469  2   LEU A CD2 
50  N N   . AIB A 3  ? 0.14327 0.09635 0.08571 0.01615  -0.00556 -0.00983 3   AIB A N   
51  C CA  . AIB A 3  ? 0.13349 0.10486 0.09949 0.02718  -0.01100 -0.00106 3   AIB A CA  
52  C C   . AIB A 3  ? 0.13584 0.13208 0.08507 0.01689  -0.00049 -0.00669 3   AIB A C   
53  O O   . AIB A 3  ? 0.15171 0.12967 0.10297 0.02056  -0.00464 -0.00797 3   AIB A O   
54  C CB1 . AIB A 3  ? 0.14039 0.12102 0.09354 0.01941  -0.02246 0.00064  3   AIB A CB1 
55  C CB2 . AIB A 3  ? 0.18246 0.10172 0.10619 0.02984  -0.00973 0.01384  3   AIB A CB2 
63  N N   . ALA A 4  ? 0.15366 0.13365 0.09172 0.00958  0.03220  -0.01556 4   ALA A N   
64  C CA  . ALA A 4  ? 0.15941 0.12946 0.10419 0.00098  0.04158  -0.01484 4   ALA A CA  
65  C C   . ALA A 4  ? 0.14517 0.14955 0.08673 -0.00764 0.02718  -0.01728 4   ALA A C   
66  O O   . ALA A 4  ? 0.17297 0.15670 0.09029 -0.01643 0.02136  -0.01263 4   ALA A O   
67  C CB  . ALA A 4  ? 0.19252 0.12342 0.12300 -0.00682 0.06234  -0.01826 4   ALA A CB  
73  N N   . AIB A 5  ? 0.13951 0.16202 0.09709 -0.02671 0.01111  -0.02364 5   AIB A N   
74  C CA  . AIB A 5  ? 0.11218 0.16134 0.11145 -0.00658 0.00059  -0.01264 5   AIB A CA  
75  C C   . AIB A 5  ? 0.09995 0.16127 0.11053 -0.00274 -0.00341 0.00999  5   AIB A C   
76  O O   . AIB A 5  ? 0.10755 0.18355 0.12993 -0.00601 0.00419  0.01405  5   AIB A O   
77  C CB1 . AIB A 5  ? 0.12322 0.14679 0.14659 -0.01300 0.00999  -0.03017 5   AIB A CB1 
78  C CB2 . AIB A 5  ? 0.11620 0.15757 0.10936 0.02879  -0.01645 0.00405  5   AIB A CB2 
86  N N   A ALA A 6  ? 0.11957 0.14120 0.10959 -0.01710 0.01102  0.00628  6   ALA A N   
87  C CA  A ALA A 6  ? 0.11107 0.11310 0.11106 0.01042  0.00632  0.02503  6   ALA A CA  
88  C C   A ALA A 6  ? 0.08780 0.09870 0.11726 0.00618  -0.00172 0.01656  6   ALA A C   
89  O O   A ALA A 6  ? 0.07348 0.10707 0.13100 0.00207  0.00538  0.01726  6   ALA A O   
90  C CB  A ALA A 6  ? 0.10604 0.13152 0.14306 0.01235  0.02332  0.03079  6   ALA A CB  
96  N N   . AIB A 7  ? 0.11534 0.11637 0.11618 -0.01269 -0.01692 0.02229  7   AIB A N   
97  C CA  . AIB A 7  ? 0.11824 0.10902 0.09716 0.00419  0.00030  0.01046  7   AIB A CA  
98  C C   . AIB A 7  ? 0.12087 0.11767 0.11401 0.00522  0.01181  0.00911  7   AIB A C   
99  O O   . AIB A 7  ? 0.14346 0.10580 0.09690 0.04072  0.02409  0.01669  7   AIB A O   
100 C CB1 . AIB A 7  ? 0.14804 0.12040 0.13863 -0.01557 -0.00837 0.01901  7   AIB A CB1 
101 C CB2 . AIB A 7  ? 0.13480 0.13437 0.10338 0.00734  -0.00229 0.03223  7   AIB A CB2 
109 N N   A GLN A 8  ? 0.13745 0.11479 0.13776 -0.00620 0.01361  0.00588  8   GLN A N   
110 N N   B GLN A 8  ? 0.13248 0.12844 0.13314 -0.00565 0.01351  0.01276  8   GLN A N   
111 C CA  A GLN A 8  ? 0.15147 0.10503 0.12796 -0.02449 0.03228  -0.02808 8   GLN A CA  
112 C CA  B GLN A 8  ? 0.13602 0.12887 0.13277 -0.01415 0.02506  -0.00144 8   GLN A CA  
113 C C   A GLN A 8  ? 0.12767 0.11243 0.10003 -0.01554 0.00793  -0.00450 8   GLN A C   
114 C C   B GLN A 8  ? 0.11432 0.13321 0.09867 -0.01650 -0.00982 0.01072  8   GLN A C   
115 O O   A GLN A 8  ? 0.10069 0.10306 0.10700 0.01283  0.01541  0.00789  8   GLN A O   
116 O O   B GLN A 8  ? 0.10056 0.14683 0.09879 -0.00761 -0.02226 0.03069  8   GLN A O   
117 C CB  A GLN A 8  ? 0.16393 0.15339 0.15841 -0.04334 0.04962  -0.03127 8   GLN A CB  
118 C CB  B GLN A 8  ? 0.13543 0.17072 0.16736 -0.02725 0.02144  0.02142  8   GLN A CB  
119 C CG  A GLN A 8  ? 0.18185 0.13663 0.17438 -0.04665 0.03671  -0.04479 8   GLN A CG  
120 C CG  B GLN A 8  ? 0.19494 0.18380 0.17116 -0.03861 0.02445  0.02172  8   GLN A CG  
121 C CD  A GLN A 8  ? 0.18794 0.14887 0.22616 -0.03833 0.02484  -0.01929 8   GLN A CD  
122 C CD  B GLN A 8  ? 0.25740 0.20529 0.16900 -0.04833 0.01917  0.03572  8   GLN A CD  
123 O OE1 A GLN A 8  ? 0.22078 0.18301 0.23918 -0.04821 0.04054  -0.00978 8   GLN A OE1 
124 O OE1 B GLN A 8  ? 0.27298 0.21703 0.18338 -0.03552 0.01408  0.05630  8   GLN A OE1 
125 N NE2 A GLN A 8  ? 0.19333 0.13876 0.26510 -0.03769 0.03606  -0.01543 8   GLN A NE2 
126 N NE2 B GLN A 8  ? 0.27640 0.24017 0.17934 -0.04651 0.02258  0.05852  8   GLN A NE2 
143 N N   . AIB A 9  ? 0.10435 0.10519 0.10573 -0.00869 -0.01196 0.00971  9   AIB A N   
144 C CA  . AIB A 9  ? 0.09831 0.11507 0.10395 -0.00168 0.00475  0.01956  9   AIB A CA  
145 C C   . AIB A 9  ? 0.08045 0.11489 0.13127 -0.01681 -0.02735 0.02418  9   AIB A C   
146 O O   . AIB A 9  ? 0.10968 0.12426 0.11481 0.00736  0.00544  0.01651  9   AIB A O   
147 C CB1 . AIB A 9  ? 0.10917 0.13254 0.10925 -0.00787 0.00604  0.02691  9   AIB A CB1 
148 C CB2 . AIB A 9  ? 0.11373 0.12612 0.10491 -0.00737 0.00271  0.02503  9   AIB A CB2 
156 N N   . LEU A 10 ? 0.07244 0.11087 0.12891 -0.01373 -0.00491 0.01300  10  LEU A N   
157 C CA  . LEU A 10 ? 0.08265 0.10905 0.09274 -0.00671 0.01564  -0.01056 10  LEU A CA  
158 C C   . LEU A 10 ? 0.09064 0.10659 0.11684 -0.01572 0.02526  -0.00557 10  LEU A C   
159 O O   . LEU A 10 ? 0.11433 0.10602 0.11306 -0.01529 0.04140  0.00537  10  LEU A O   
160 C CB  . LEU A 10 ? 0.09845 0.16317 0.11329 -0.02727 0.01338  0.00979  10  LEU A CB  
161 C CG  . LEU A 10 ? 0.12653 0.17501 0.16506 -0.06224 0.01543  -0.00897 10  LEU A CG  
162 C CD1 . LEU A 10 ? 0.13773 0.16321 0.18370 -0.06936 0.04484  -0.04822 10  LEU A CD1 
163 C CD2 . LEU A 10 ? 0.17455 0.18427 0.16979 -0.07573 0.00014  0.00721  10  LEU A CD2 
175 C C11 A I77 A 11 ? 0.16885 0.11415 0.16568 -0.06625 0.02830  -0.05051 11  I77 A C11 
176 C C11 B I77 A 11 ? 0.10845 0.05822 0.08237 -0.01334 -0.01689 -0.00666 11  I77 A C11 
177 C C12 A I77 A 11 ? 0.15787 0.09724 0.16746 -0.06143 0.00609  -0.03512 11  I77 A C12 
178 C C12 B I77 A 11 ? 0.13122 0.05021 0.05306 -0.01462 -0.00522 -0.01600 11  I77 A C12 
179 C C13 A I77 A 11 ? 0.10771 0.07661 0.16426 -0.04077 -0.00291 -0.01724 11  I77 A C13 
180 C C13 B I77 A 11 ? 0.12341 0.07352 0.05722 -0.00140 -0.01150 0.01369  11  I77 A C13 
181 C C17 A I77 A 11 ? 0.16541 0.09781 0.15118 -0.05485 0.01902  -0.04711 11  I77 A C17 
182 C C17 B I77 A 11 ? 0.12821 0.06585 0.05045 -0.01650 -0.00748 -0.01307 11  I77 A C17 
183 C C18 A I77 A 11 ? 0.15815 0.12109 0.14140 -0.06345 0.03419  -0.05785 11  I77 A C18 
184 C C18 B I77 A 11 ? 0.11705 0.05642 0.05822 -0.01704 -0.01389 -0.01991 11  I77 A C18 
185 C C02 A I77 A 11 ? 0.25339 0.30360 0.26296 -0.16493 -0.00186 -0.00813 11  I77 A C02 
186 C C02 B I77 A 11 ? 0.08015 0.10144 0.08332 -0.04126 0.01315  0.00017  11  I77 A C02 
187 C C03 A I77 A 11 ? 0.24413 0.26898 0.25226 -0.15243 0.02156  -0.01592 11  I77 A C03 
188 C C03 B I77 A 11 ? 0.03388 0.10406 0.07233 -0.00548 0.00086  0.00110  11  I77 A C03 
189 C C04 A I77 A 11 ? 0.24791 0.23289 0.23896 -0.14126 0.03656  -0.02619 11  I77 A C04 
190 C C04 B I77 A 11 ? 0.07609 0.08465 0.09590 0.00197  -0.00057 -0.00187 11  I77 A C04 
191 C C05 A I77 A 11 ? 0.23777 0.20645 0.21390 -0.12550 0.03367  -0.05257 11  I77 A C05 
192 C C05 B I77 A 11 ? 0.10518 0.07090 0.10013 0.00169  -0.00125 -0.00585 11  I77 A C05 
193 C C06 A I77 A 11 ? 0.25042 0.27873 0.22869 -0.14552 0.02462  -0.01163 11  I77 A C06 
194 C C06 B I77 A 11 ? 0.05230 0.07664 0.03898 0.01431  0.00078  0.00130  11  I77 A C06 
195 C C08 A I77 A 11 ? 0.21514 0.18762 0.18275 -0.10621 0.03429  -0.06580 11  I77 A C08 
196 C C08 B I77 A 11 ? 0.10200 0.05168 0.08107 -0.00079 -0.01597 -0.01166 11  I77 A C08 
197 C C09 A I77 A 11 ? 0.17702 0.14290 0.14279 -0.07482 0.02773  -0.06082 11  I77 A C09 
198 C C09 B I77 A 11 ? 0.09996 0.05753 0.06492 -0.02024 -0.01819 -0.02317 11  I77 A C09 
199 N N01 A I77 A 11 ? 0.30502 0.28343 0.23601 -0.16492 0.00079  0.03334  11  I77 A N01 
200 N N01 B I77 A 11 ? 0.07619 0.04860 0.11699 0.00459  -0.01949 0.02940  11  I77 A N01 
201 N N07 A I77 A 11 ? 0.23466 0.26261 0.21383 -0.13987 0.02132  -0.02952 11  I77 A N07 
202 N N07 B I77 A 11 ? 0.06053 0.08180 0.07207 -0.00396 -0.00249 -0.01047 11  I77 A N07 
203 N N10 A I77 A 11 ? 0.18151 0.13881 0.16367 -0.08044 0.03060  -0.05518 11  I77 A N10 
204 N N10 B I77 A 11 ? 0.13747 0.06892 0.08611 -0.02298 -0.01588 -0.00913 11  I77 A N10 
205 N N14 A I77 A 11 ? 0.11772 0.07415 0.13857 -0.01061 0.01475  -0.01373 11  I77 A N14 
206 N N14 B I77 A 11 ? 0.12318 0.11076 0.07755 -0.01306 -0.01559 0.03473  11  I77 A N14 
207 N N15 A I77 A 11 ? 0.11544 0.10947 0.15569 -0.02543 0.02051  0.01065  11  I77 A N15 
208 N N15 B I77 A 11 ? 0.11047 0.14079 0.09728 -0.02915 0.00118  0.03655  11  I77 A N15 
209 O O16 A I77 A 11 ? 0.09621 0.10944 0.18873 -0.05209 -0.02052 0.00722  11  I77 A O16 
210 O O16 B I77 A 11 ? 0.13143 0.10592 0.10466 -0.00416 -0.02400 0.05326  11  I77 A O16 
211 O O19 A I77 A 11 ? 0.25254 0.33298 0.24991 -0.16679 -0.03013 -0.00247 11  I77 A O19 
212 O O19 B I77 A 11 ? 0.10202 0.09277 0.07272 -0.05299 0.03851  -0.03434 11  I77 A O19 
233 C C05 . I6W B 1  ? 0.12312 0.09033 0.09534 -0.00709 -0.01146 0.02993  1   I6W B C05 
234 C C08 . I6W B 1  ? 0.12321 0.09916 0.09993 -0.02198 -0.01366 0.02251  1   I6W B C08 
235 C C09 . I6W B 1  ? 0.12777 0.14043 0.13221 -0.01915 0.01726  0.03158  1   I6W B C09 
236 N N10 . I6W B 1  ? 0.18280 0.16535 0.14186 -0.02357 0.02850  0.02264  1   I6W B N10 
237 C C02 . I6W B 1  ? 0.12320 0.08634 0.11941 0.00701  0.00549  0.01557  1   I6W B C02 
238 C C03 . I6W B 1  ? 0.10713 0.09910 0.08574 -0.00810 -0.01115 0.01242  1   I6W B C03 
239 C C04 . I6W B 1  ? 0.13647 0.10040 0.09792 -0.03254 -0.01357 0.01572  1   I6W B C04 
240 C C06 . I6W B 1  ? 0.14350 0.10574 0.06509 -0.01953 0.01739  -0.01834 1   I6W B C06 
241 C C11 . I6W B 1  ? 0.19522 0.16567 0.16062 0.00267  0.02173  0.04632  1   I6W B C11 
242 C C12 . I6W B 1  ? 0.20230 0.18011 0.20810 -0.00529 0.03595  0.05352  1   I6W B C12 
243 C C13 . I6W B 1  ? 0.19951 0.23380 0.27544 -0.01031 0.04733  0.07250  1   I6W B C13 
244 C C15 . I6W B 1  ? 0.22793 0.30779 0.39285 -0.02139 0.08084  0.10942  1   I6W B C15 
245 C C16 . I6W B 1  ? 0.24883 0.29347 0.41353 -0.02202 0.08653  0.10247  1   I6W B C16 
246 C C18 . I6W B 1  ? 0.20743 0.15334 0.20655 -0.01866 0.03912  0.03794  1   I6W B C18 
247 C C19 . I6W B 1  ? 0.15712 0.11699 0.16315 0.00419  0.03236  0.02944  1   I6W B C19 
248 N N07 . I6W B 1  ? 0.16004 0.12161 0.09712 -0.03478 -0.01645 0.01680  1   I6W B N07 
249 O O01 . I6W B 1  ? 0.11606 0.08049 0.13730 -0.00894 -0.00595 0.01299  1   I6W B O01 
250 O O14 . I6W B 1  ? 0.19366 0.27031 0.35189 -0.00420 0.06529  0.09735  1   I6W B O14 
251 O O17 . I6W B 1  ? 0.24077 0.24722 0.27721 -0.04191 0.05661  0.04548  1   I6W B O17 
263 N N   . LEU B 2  ? 0.07326 0.09136 0.13663 -0.00409 -0.01112 0.00873  2   LEU B N   
264 C CA  . LEU B 2  ? 0.10768 0.09072 0.11514 0.01161  -0.00312 0.00082  2   LEU B CA  
265 C C   . LEU B 2  ? 0.09810 0.08753 0.13190 0.01398  -0.00444 -0.01407 2   LEU B C   
266 O O   . LEU B 2  ? 0.09935 0.09315 0.12420 -0.00024 -0.01449 -0.02561 2   LEU B O   
267 C CB  . LEU B 2  ? 0.12388 0.09398 0.09783 0.01736  0.01426  -0.01689 2   LEU B CB  
268 C CG  . LEU B 2  ? 0.10551 0.10451 0.11255 0.00955  -0.00330 -0.00421 2   LEU B CG  
269 C CD1 . LEU B 2  ? 0.12333 0.10700 0.09413 0.01320  -0.00526 -0.00022 2   LEU B CD1 
270 C CD2 . LEU B 2  ? 0.08946 0.14126 0.12239 -0.01518 -0.02075 0.00690  2   LEU B CD2 
282 N N   . AIB B 3  ? 0.10847 0.09922 0.12866 0.00362  -0.00656 -0.02487 3   AIB B N   
283 C CA  . AIB B 3  ? 0.10283 0.10061 0.12113 0.02060  -0.01313 -0.01540 3   AIB B CA  
284 C C   . AIB B 3  ? 0.06844 0.11629 0.12652 -0.01217 -0.00190 -0.03161 3   AIB B C   
285 O O   . AIB B 3  ? 0.09607 0.09729 0.11612 0.01049  -0.00203 -0.02002 3   AIB B O   
286 C CB1 . AIB B 3  ? 0.11608 0.10662 0.13864 0.02216  -0.03216 0.00589  3   AIB B CB1 
287 C CB2 . AIB B 3  ? 0.12354 0.11374 0.14681 0.02299  -0.01486 -0.01907 3   AIB B CB2 
295 N N   . ALA B 4  ? 0.07179 0.12863 0.11688 0.00177  0.00431  -0.01542 4   ALA B N   
296 C CA  . ALA B 4  ? 0.11045 0.12258 0.11727 -0.01227 0.01253  -0.00361 4   ALA B CA  
297 C C   . ALA B 4  ? 0.09754 0.09694 0.10734 -0.00485 0.00150  -0.00043 4   ALA B C   
298 O O   . ALA B 4  ? 0.10689 0.09970 0.12590 -0.00826 -0.00014 0.01239  4   ALA B O   
299 C CB  . ALA B 4  ? 0.13745 0.16254 0.15530 -0.01640 0.00872  0.02748  4   ALA B CB  
305 N N   . AIB B 5  ? 0.08387 0.09706 0.14123 0.00277  -0.00630 0.00824  5   AIB B N   
306 C CA  . AIB B 5  ? 0.09992 0.11427 0.13969 -0.00298 -0.01653 0.01679  5   AIB B CA  
307 C C   . AIB B 5  ? 0.09639 0.07582 0.13597 0.00415  -0.03539 0.01813  5   AIB B C   
308 O O   . AIB B 5  ? 0.08315 0.10536 0.12855 0.00423  -0.01398 0.01779  5   AIB B O   
309 C CB1 . AIB B 5  ? 0.08425 0.13315 0.15426 0.00818  -0.02398 0.03732  5   AIB B CB1 
310 C CB2 . AIB B 5  ? 0.10854 0.12720 0.11870 -0.00940 0.00128  0.00410  5   AIB B CB2 
318 N N   . ALA B 6  ? 0.07519 0.09258 0.16492 -0.00909 -0.01530 0.01011  6   ALA B N   
319 C CA  . ALA B 6  ? 0.08097 0.09928 0.15349 0.00434  -0.01958 0.01594  6   ALA B CA  
320 C C   . ALA B 6  ? 0.09366 0.11571 0.10600 0.00148  -0.02053 0.00849  6   ALA B C   
321 O O   . ALA B 6  ? 0.09628 0.13172 0.14071 0.00166  -0.01297 0.03220  6   ALA B O   
322 C CB  . ALA B 6  ? 0.08783 0.12241 0.17441 0.00183  -0.00620 0.01690  6   ALA B CB  
328 N N   . AIB B 7  ? 0.10762 0.10247 0.12922 0.01042  -0.02312 -0.00607 7   AIB B N   
329 C CA  . AIB B 7  ? 0.12028 0.11650 0.13334 0.03013  -0.01986 -0.00255 7   AIB B CA  
330 C C   . AIB B 7  ? 0.10967 0.10784 0.09799 0.02150  -0.00150 -0.03432 7   AIB B C   
331 O O   . AIB B 7  ? 0.12803 0.13357 0.12339 0.03836  -0.00838 -0.02473 7   AIB B O   
332 C CB1 . AIB B 7  ? 0.12156 0.10886 0.13067 0.05632  -0.02218 -0.01497 7   AIB B CB1 
333 C CB2 . AIB B 7  ? 0.12598 0.10377 0.17926 0.00061  -0.02481 -0.01784 7   AIB B CB2 
341 N N   . GLN B 8  ? 0.09291 0.10593 0.11494 0.01728  0.01746  -0.01938 8   GLN B N   
342 C CA  . GLN B 8  ? 0.10551 0.11023 0.12798 0.01582  0.01530  0.00227  8   GLN B CA  
343 C C   . GLN B 8  ? 0.06462 0.10246 0.10306 -0.00141 -0.00845 0.00642  8   GLN B C   
344 O O   . GLN B 8  ? 0.07477 0.08706 0.13044 0.00170  0.00190  0.01211  8   GLN B O   
345 C CB  . GLN B 8  ? 0.11971 0.13731 0.17022 0.01482  0.00895  0.02168  8   GLN B CB  
346 C CG  . GLN B 8  ? 0.12468 0.15932 0.25675 -0.00500 0.02605  -0.00555 8   GLN B CG  
347 C CD  . GLN B 8  ? 0.13339 0.27327 0.38990 -0.04095 -0.01189 0.02215  8   GLN B CD  
348 O OE1 . GLN B 8  ? 0.13788 0.26116 0.40481 -0.03730 0.02570  0.00881  8   GLN B OE1 
349 N NE2 . GLN B 8  ? 0.18568 0.31805 0.45232 -0.03827 -0.03113 0.04647  8   GLN B NE2 
358 N N   . AIB B 9  ? 0.08445 0.07364 0.09699 0.00129  0.00492  -0.00370 9   AIB B N   
359 C CA  . AIB B 9  ? 0.10513 0.08621 0.08878 -0.01457 -0.00157 0.00197  9   AIB B CA  
360 C C   . AIB B 9  ? 0.07171 0.08619 0.09860 -0.00504 -0.01399 0.01103  9   AIB B C   
361 O O   . AIB B 9  ? 0.08085 0.08045 0.10958 0.00105  -0.00341 0.00764  9   AIB B O   
362 C CB1 . AIB B 9  ? 0.12050 0.07230 0.09137 0.00423  -0.01791 0.02381  9   AIB B CB1 
363 C CB2 . AIB B 9  ? 0.08750 0.07444 0.09475 -0.00294 0.00552  0.00072  9   AIB B CB2 
371 N N   . LEU B 10 ? 0.08092 0.06662 0.10864 0.00350  0.00195  -0.01015 10  LEU B N   
372 C CA  . LEU B 10 ? 0.08740 0.08378 0.09682 -0.01373 -0.00435 -0.01374 10  LEU B CA  
373 C C   . LEU B 10 ? 0.11921 0.07113 0.09181 0.00129  -0.02289 0.00181  10  LEU B C   
374 O O   . LEU B 10 ? 0.10943 0.07684 0.16629 -0.00781 -0.04204 0.01205  10  LEU B O   
375 C CB  . LEU B 10 ? 0.10123 0.09010 0.10515 0.00397  0.00079  -0.01151 10  LEU B CB  
376 C CG  . LEU B 10 ? 0.12394 0.12808 0.10722 -0.01494 -0.02171 0.00045  10  LEU B CG  
377 C CD1 . LEU B 10 ? 0.15057 0.10637 0.11253 -0.01556 -0.02039 0.00595  10  LEU B CD1 
378 C CD2 . LEU B 10 ? 0.14174 0.12652 0.09802 0.01083  -0.00844 -0.00428 10  LEU B CD2 
390 C C11 A I77 B 11 ? 0.11789 0.09960 0.11156 -0.00862 -0.00172 0.02226  11  I77 B C11 
391 C C11 B I77 B 11 ? 0.10114 0.05211 0.07466 -0.02054 0.01516  -0.02947 11  I77 B C11 
392 C C12 A I77 B 11 ? 0.09445 0.10278 0.09837 -0.02317 -0.01392 0.01199  11  I77 B C12 
393 C C12 B I77 B 11 ? 0.10958 0.05362 0.06959 -0.01396 0.02046  -0.02877 11  I77 B C12 
394 C C13 A I77 B 11 ? 0.08876 0.08830 0.08951 -0.01001 -0.00640 0.01131  11  I77 B C13 
395 C C13 B I77 B 11 ? 0.12910 0.06184 0.09974 -0.01493 0.03184  -0.02542 11  I77 B C13 
396 C C17 A I77 B 11 ? 0.10650 0.08861 0.07611 -0.00616 -0.00437 -0.00714 11  I77 B C17 
397 C C17 B I77 B 11 ? 0.10610 0.05060 0.06787 -0.01160 0.02200  -0.02689 11  I77 B C17 
398 C C18 A I77 B 11 ? 0.13020 0.08264 0.06251 -0.01802 -0.01008 -0.00876 11  I77 B C18 
399 C C18 B I77 B 11 ? 0.10484 0.04927 0.06963 -0.01074 0.02644  -0.02554 11  I77 B C18 
400 C C02 A I77 B 11 ? 0.12383 0.07084 0.10281 -0.01225 -0.00657 0.00742  11  I77 B C02 
401 C C02 B I77 B 11 ? 0.13981 0.03592 0.08413 0.00826  -0.00526 0.00084  11  I77 B C02 
402 C C03 A I77 B 11 ? 0.12764 0.08146 0.08713 -0.02556 -0.01139 -0.00060 11  I77 B C03 
403 C C03 B I77 B 11 ? 0.12691 0.04486 0.09583 0.01177  -0.01003 0.02015  11  I77 B C03 
404 C C04 A I77 B 11 ? 0.11205 0.10051 0.07414 -0.02543 -0.01115 -0.00005 11  I77 B C04 
405 C C04 B I77 B 11 ? 0.13491 0.04023 0.09615 0.01117  0.01162  0.00660  11  I77 B C04 
406 C C05 A I77 B 11 ? 0.09462 0.11337 0.07818 -0.01681 -0.00431 0.00240  11  I77 B C05 
407 C C05 B I77 B 11 ? 0.13645 0.04241 0.09650 0.00208  0.01188  0.00174  11  I77 B C05 
408 C C06 A I77 B 11 ? 0.13018 0.09245 0.07747 -0.03223 -0.00239 0.00303  11  I77 B C06 
409 C C06 B I77 B 11 ? 0.10401 0.05316 0.08777 0.01314  -0.02043 0.02972  11  I77 B C06 
410 C C08 A I77 B 11 ? 0.08351 0.09846 0.09588 -0.00223 0.00017  -0.00661 11  I77 B C08 
411 C C08 B I77 B 11 ? 0.11757 0.05403 0.08882 0.00001  0.01518  -0.00085 11  I77 B C08 
412 C C09 A I77 B 11 ? 0.13822 0.08613 0.08248 -0.00823 0.00406  -0.01282 11  I77 B C09 
413 C C09 B I77 B 11 ? 0.10949 0.05338 0.06661 -0.00746 0.03137  -0.02206 11  I77 B C09 
414 N N01 A I77 B 11 ? 0.10262 0.11872 0.08385 -0.02897 0.00170  0.00532  11  I77 B N01 
415 N N01 B I77 B 11 ? 0.12923 0.04164 0.09389 0.02105  -0.01299 0.00987  11  I77 B N01 
416 N N07 A I77 B 11 ? 0.11717 0.08704 0.09663 -0.02964 0.00260  -0.01663 11  I77 B N07 
417 N N07 B I77 B 11 ? 0.12134 0.05861 0.09534 -0.00576 0.00516  0.01017  11  I77 B N07 
418 N N10 A I77 B 11 ? 0.13181 0.09779 0.10531 -0.01066 0.00128  0.01333  11  I77 B N10 
419 N N10 B I77 B 11 ? 0.10489 0.05424 0.06858 -0.01530 0.02983  -0.02698 11  I77 B N10 
420 N N14 A I77 B 11 ? 0.11097 0.07720 0.04885 -0.00091 -0.00194 0.00046  11  I77 B N14 
421 N N14 B I77 B 11 ? 0.14952 0.08266 0.09960 -0.01320 0.02995  -0.01746 11  I77 B N14 
422 N N15 A I77 B 11 ? 0.12435 0.07550 0.05195 -0.02452 0.00345  -0.00967 11  I77 B N15 
423 N N15 B I77 B 11 ? 0.15863 0.07324 0.07945 -0.00937 0.02132  -0.02705 11  I77 B N15 
424 O O16 A I77 B 11 ? 0.11014 0.08303 0.10029 -0.01568 0.00831  0.00123  11  I77 B O16 
425 O O16 B I77 B 11 ? 0.13738 0.08212 0.12497 -0.03345 0.04427  -0.02893 11  I77 B O16 
426 O O19 A I77 B 11 ? 0.11246 0.08394 0.13400 0.00339  0.00979  0.01767  11  I77 B O19 
427 O O19 B I77 B 11 ? 0.14143 0.03646 0.09691 0.00057  0.00944  -0.00604 11  I77 B O19 
447 N N   A CCN C .  ? 0.18934 0.13905 0.18308 -0.00600 -0.02854 0.01625  101 CCN A N   
448 N N   B CCN C .  ? 0.16499 0.12292 0.13249 -0.02225 0.02086  -0.01428 101 CCN A N   
449 C C1  A CCN C .  ? 0.18611 0.13690 0.16221 0.00184  -0.01747 0.01005  101 CCN A C1  
450 C C1  B CCN C .  ? 0.20231 0.08794 0.11189 -0.01413 0.03394  -0.03582 101 CCN A C1  
451 C C2  A CCN C .  ? 0.08279 0.15073 0.14686 0.01847  -0.03617 0.01045  101 CCN A C2  
452 C C2  B CCN C .  ? 0.20702 0.07967 0.13189 -0.02167 0.01386  -0.02803 101 CCN A C2  
459 N N   A CCN D .  ? 0.09195 0.08840 0.17467 0.01676  -0.01017 -0.00132 101 CCN B N   
460 N N   B CCN D .  ? 0.17486 0.34896 0.26448 0.01230  -0.06328 0.00708  101 CCN B N   
461 C C1  A CCN D .  ? 0.11345 0.09337 0.17453 0.02528  0.00851  0.00111  101 CCN B C1  
462 C C1  B CCN D .  ? 0.17209 0.33607 0.26148 0.00127  -0.06661 -0.00992 101 CCN B C1  
463 C C2  A CCN D .  ? 0.11848 0.08379 0.17467 0.05210  0.00888  0.01413  101 CCN B C2  
464 C C2  B CCN D .  ? 0.15689 0.30414 0.24249 -0.00391 -0.07863 -0.03864 101 CCN B C2  
471 O O   . HOH E .  ? 0.09892 0.17589 0.17028 -0.00417 0.01146  -0.00865 201 HOH A O   
472 O O   A HOH E .  ? 0.28517 0.14736 0.35026 -0.04754 -0.13518 -0.01260 202 HOH A O   
473 O O   B HOH E .  ? 0.26013 0.21310 0.34525 0.05375  0.04469  -0.12632 202 HOH A O   
474 O O   . HOH E .  ? 0.68158 0.37266 0.61982 -0.11706 -0.06979 -0.05424 203 HOH A O   
475 O O   . HOH F .  ? 0.14412 0.21728 0.15609 0.02768  0.00530  -0.00231 201 HOH B O   
476 O O   . HOH F .  ? 0.42890 0.44095 0.61981 0.05269  0.04161  -0.05404 202 HOH B O   
477 O O   . HOH F .  ? 0.63728 0.35415 0.42131 -0.05263 -0.07431 0.04767  203 HOH B O   
# 
